data_2RD5
#
_entry.id   2RD5
#
_cell.length_a   171.133
_cell.length_b   171.133
_cell.length_c   171.133
_cell.angle_alpha   90.00
_cell.angle_beta   90.00
_cell.angle_gamma   90.00
#
_symmetry.space_group_name_H-M   'P 21 3'
#
loop_
_entity.id
_entity.type
_entity.pdbx_description
1 polymer 'Acetylglutamate kinase-like protein'
2 polymer 'PII protein'
3 non-polymer ARGININE
4 non-polymer "ADENOSINE-5'-DIPHOSPHATE"
5 non-polymer N-ACETYL-L-GLUTAMATE
6 non-polymer 'MAGNESIUM ION'
7 non-polymer "ADENOSINE-5'-TRIPHOSPHATE"
8 water water
#
loop_
_entity_poly.entity_id
_entity_poly.type
_entity_poly.pdbx_seq_one_letter_code
_entity_poly.pdbx_strand_id
1 'polypeptide(L)'
;MTVSTPPSIATGNAPSPDYRVEILSESLPFIQKFRGKTIVVKYGGAAMTSPELKSSVVSDLVLLACVGLRPILVHGGGPD
INRYLKQLNIPAEFRDGLRVTDATTMEIVSMVLVGKVNKNLVSLINAAGATAVGLSGHDGRLLTARPVPNSAQLGFVGEV
ARVDPSVLRPLVDYGYIPVIASVAADDSGQAYNINADTVAGELAAALGAEKLILLTDVAGILENKEDPSSLIKEIDIKGV
KKMIEDGKVAGGMIPKVKCCIRSLAQGVKTASIIDGRRQHSLLHEIMSDEGAGTMITG
;
A,B
2 'polypeptide(L)'
;MQISSDYIPDSKFYKVEAIVRPWRIQQVSSALLKIGIRGVTVSDVRGFGAQGGSTERHGGSEFSEDKFVAKVKMEIVVKK
DQVESVINTIIEGARTGEIGDGKIFVLPVSDVIRVRTGERGEKAEKMTGDMLSPS
;
C,D
#
loop_
_chem_comp.id
_chem_comp.type
_chem_comp.name
_chem_comp.formula
ADP non-polymer ADENOSINE-5'-DIPHOSPHATE 'C10 H15 N5 O10 P2'
ATP non-polymer ADENOSINE-5'-TRIPHOSPHATE 'C10 H16 N5 O13 P3'
MG non-polymer 'MAGNESIUM ION' 'Mg 2'
NLG non-polymer N-ACETYL-L-GLUTAMATE 'C7 H11 N O5'
#
# COMPACT_ATOMS: atom_id res chain seq x y z
N ASP A 18 -18.89 17.80 0.56
CA ASP A 18 -17.63 17.19 1.10
C ASP A 18 -17.86 15.78 1.66
N TYR A 19 -18.98 15.18 1.29
CA TYR A 19 -19.38 13.86 1.77
C TYR A 19 -18.44 12.73 1.31
N ARG A 20 -17.68 12.99 0.24
CA ARG A 20 -16.79 11.99 -0.35
C ARG A 20 -15.67 11.50 0.58
N VAL A 21 -15.19 12.36 1.47
CA VAL A 21 -14.07 11.99 2.35
C VAL A 21 -14.50 11.35 3.68
N GLU A 22 -15.70 11.68 4.17
CA GLU A 22 -16.23 11.05 5.39
C GLU A 22 -16.57 9.57 5.13
N ILE A 23 -17.00 9.28 3.91
CA ILE A 23 -17.24 7.92 3.46
C ILE A 23 -15.92 7.15 3.35
N LEU A 24 -14.92 7.79 2.75
CA LEU A 24 -13.58 7.23 2.63
C LEU A 24 -13.01 6.84 3.99
N SER A 25 -13.19 7.71 4.98
CA SER A 25 -12.76 7.49 6.35
C SER A 25 -13.43 6.28 7.00
N GLU A 26 -14.71 6.04 6.67
CA GLU A 26 -15.48 4.95 7.28
C GLU A 26 -15.10 3.58 6.73
N SER A 27 -14.49 3.55 5.56
CA SER A 27 -14.09 2.30 4.93
C SER A 27 -12.71 1.82 5.41
N LEU A 28 -12.12 2.54 6.35
CA LEU A 28 -10.80 2.19 6.88
C LEU A 28 -10.68 0.74 7.38
N PRO A 29 -11.57 0.29 8.29
CA PRO A 29 -11.40 -1.08 8.79
C PRO A 29 -11.57 -2.15 7.71
N PHE A 30 -12.35 -1.83 6.68
CA PHE A 30 -12.55 -2.72 5.53
C PHE A 30 -11.30 -2.78 4.65
N ILE A 31 -10.62 -1.65 4.51
CA ILE A 31 -9.34 -1.54 3.79
C ILE A 31 -8.20 -2.26 4.52
N GLN A 32 -8.16 -2.14 5.84
CA GLN A 32 -7.12 -2.77 6.65
C GLN A 32 -7.21 -4.29 6.70
N LYS A 33 -8.43 -4.82 6.61
CA LYS A 33 -8.67 -6.23 6.92
C LYS A 33 -7.88 -7.21 6.06
N PHE A 34 -7.80 -6.93 4.76
CA PHE A 34 -7.17 -7.86 3.82
C PHE A 34 -5.92 -7.30 3.15
N ARG A 35 -5.29 -6.34 3.83
CA ARG A 35 -4.00 -5.79 3.38
C ARG A 35 -2.91 -6.86 3.24
N GLY A 36 -2.24 -6.86 2.10
CA GLY A 36 -1.18 -7.82 1.82
C GLY A 36 -1.70 -9.18 1.37
N LYS A 37 -3.02 -9.35 1.38
CA LYS A 37 -3.62 -10.63 1.01
C LYS A 37 -3.82 -10.74 -0.50
N THR A 38 -3.68 -11.96 -1.01
CA THR A 38 -3.88 -12.24 -2.42
C THR A 38 -5.34 -12.54 -2.67
N ILE A 39 -5.85 -11.99 -3.77
CA ILE A 39 -7.24 -12.16 -4.15
C ILE A 39 -7.31 -12.52 -5.62
N VAL A 40 -7.98 -13.63 -5.94
CA VAL A 40 -8.06 -14.10 -7.33
C VAL A 40 -9.49 -13.89 -7.86
N VAL A 41 -9.61 -13.06 -8.89
CA VAL A 41 -10.91 -12.66 -9.43
C VAL A 41 -11.07 -13.20 -10.85
N LYS A 42 -12.13 -13.97 -11.07
CA LYS A 42 -12.46 -14.45 -12.42
C LYS A 42 -13.53 -13.57 -13.04
N TYR A 43 -13.14 -12.96 -14.16
CA TYR A 43 -13.96 -12.01 -14.86
C TYR A 43 -14.56 -12.65 -16.11
N GLY A 44 -15.88 -12.64 -16.20
CA GLY A 44 -16.59 -13.16 -17.37
C GLY A 44 -18.07 -12.82 -17.33
N GLY A 45 -18.80 -13.29 -18.34
CA GLY A 45 -20.26 -13.13 -18.40
C GLY A 45 -20.72 -11.74 -18.81
N ALA A 46 -21.79 -11.27 -18.17
CA ALA A 46 -22.40 -9.98 -18.48
C ALA A 46 -21.51 -8.80 -18.08
N ALA A 47 -20.58 -9.06 -17.17
CA ALA A 47 -19.60 -8.06 -16.77
C ALA A 47 -18.63 -7.76 -17.92
N MET A 48 -18.49 -8.72 -18.83
CA MET A 48 -17.65 -8.57 -20.03
C MET A 48 -18.35 -7.86 -21.17
N THR A 49 -19.62 -8.21 -21.39
CA THR A 49 -20.37 -7.72 -22.54
C THR A 49 -20.82 -6.25 -22.43
N SER A 50 -20.77 -5.70 -21.22
CA SER A 50 -21.19 -4.33 -20.98
C SER A 50 -19.97 -3.44 -20.71
N PRO A 51 -19.75 -2.43 -21.57
CA PRO A 51 -18.64 -1.47 -21.37
C PRO A 51 -18.70 -0.73 -20.03
N GLU A 52 -19.89 -0.46 -19.52
CA GLU A 52 -20.08 0.22 -18.23
C GLU A 52 -19.64 -0.66 -17.05
N LEU A 53 -20.06 -1.92 -17.06
CA LEU A 53 -19.64 -2.89 -16.03
C LEU A 53 -18.14 -3.18 -16.11
N LYS A 54 -17.63 -3.22 -17.34
CA LYS A 54 -16.23 -3.48 -17.62
C LYS A 54 -15.32 -2.45 -16.94
N SER A 55 -15.65 -1.17 -17.08
CA SER A 55 -14.82 -0.12 -16.49
C SER A 55 -14.96 -0.07 -14.97
N SER A 56 -16.11 -0.51 -14.45
CA SER A 56 -16.30 -0.66 -13.01
C SER A 56 -15.43 -1.76 -12.39
N VAL A 57 -15.31 -2.89 -13.09
CA VAL A 57 -14.43 -3.98 -12.66
C VAL A 57 -12.98 -3.50 -12.63
N VAL A 58 -12.52 -2.91 -13.74
CA VAL A 58 -11.20 -2.31 -13.85
C VAL A 58 -10.94 -1.34 -12.69
N SER A 59 -11.86 -0.38 -12.51
CA SER A 59 -11.78 0.55 -11.39
C SER A 59 -11.61 -0.15 -10.06
N ASP A 60 -12.44 -1.16 -9.82
CA ASP A 60 -12.44 -1.89 -8.57
C ASP A 60 -11.12 -2.62 -8.35
N LEU A 61 -10.60 -3.25 -9.40
CA LEU A 61 -9.30 -3.90 -9.34
C LEU A 61 -8.21 -2.93 -8.95
N VAL A 62 -8.16 -1.80 -9.66
CA VAL A 62 -7.12 -0.79 -9.44
C VAL A 62 -7.20 -0.26 -8.01
N LEU A 63 -8.42 0.05 -7.56
CA LEU A 63 -8.63 0.54 -6.20
C LEU A 63 -8.08 -0.45 -5.18
N LEU A 64 -8.41 -1.73 -5.35
CA LEU A 64 -7.93 -2.78 -4.46
C LEU A 64 -6.41 -2.85 -4.41
N ALA A 65 -5.77 -2.75 -5.59
CA ALA A 65 -4.31 -2.70 -5.68
C ALA A 65 -3.73 -1.47 -4.96
N CYS A 66 -4.32 -0.30 -5.17
CA CYS A 66 -3.83 0.94 -4.56
C CYS A 66 -4.03 0.95 -3.05
N VAL A 67 -5.04 0.21 -2.61
CA VAL A 67 -5.46 0.15 -1.21
C VAL A 67 -4.71 -0.94 -0.40
N GLY A 68 -3.85 -1.70 -1.07
CA GLY A 68 -2.96 -2.64 -0.39
C GLY A 68 -3.23 -4.12 -0.58
N LEU A 69 -4.33 -4.45 -1.26
CA LEU A 69 -4.62 -5.83 -1.60
C LEU A 69 -3.77 -6.25 -2.79
N ARG A 70 -3.67 -7.56 -3.02
CA ARG A 70 -2.87 -8.07 -4.14
C ARG A 70 -3.77 -8.84 -5.11
N PRO A 71 -4.49 -8.10 -5.97
CA PRO A 71 -5.46 -8.75 -6.85
C PRO A 71 -4.80 -9.35 -8.09
N ILE A 72 -5.40 -10.44 -8.56
CA ILE A 72 -5.05 -11.09 -9.81
C ILE A 72 -6.34 -11.30 -10.58
N LEU A 73 -6.34 -10.90 -11.85
CA LEU A 73 -7.51 -11.03 -12.72
C LEU A 73 -7.34 -12.20 -13.68
N VAL A 74 -8.34 -13.08 -13.70
CA VAL A 74 -8.35 -14.21 -14.62
C VAL A 74 -9.60 -14.06 -15.48
N HIS A 75 -9.46 -14.18 -16.79
CA HIS A 75 -10.60 -13.97 -17.67
C HIS A 75 -10.86 -15.16 -18.57
N GLY A 76 -12.10 -15.26 -19.05
CA GLY A 76 -12.45 -16.11 -20.19
C GLY A 76 -12.67 -15.24 -21.40
N GLY A 77 -13.74 -15.52 -22.16
CA GLY A 77 -14.11 -14.65 -23.28
C GLY A 77 -14.88 -15.32 -24.39
N GLY A 78 -15.84 -16.16 -24.01
CA GLY A 78 -16.66 -16.95 -24.95
C GLY A 78 -17.29 -16.27 -26.16
N PRO A 79 -18.07 -15.18 -25.94
CA PRO A 79 -18.80 -14.51 -27.03
C PRO A 79 -17.92 -14.02 -28.19
N ASP A 80 -16.74 -13.51 -27.86
CA ASP A 80 -15.77 -13.04 -28.83
C ASP A 80 -15.23 -14.19 -29.70
N ILE A 81 -15.00 -15.35 -29.07
CA ILE A 81 -14.58 -16.55 -29.78
C ILE A 81 -15.66 -17.01 -30.75
N ASN A 82 -16.89 -17.08 -30.27
CA ASN A 82 -18.04 -17.50 -31.08
C ASN A 82 -18.20 -16.67 -32.35
N ARG A 83 -17.92 -15.38 -32.23
CA ARG A 83 -18.08 -14.45 -33.32
C ARG A 83 -17.10 -14.76 -34.47
N TYR A 84 -15.83 -14.96 -34.12
CA TYR A 84 -14.80 -15.27 -35.12
C TYR A 84 -14.97 -16.66 -35.71
N LEU A 85 -15.41 -17.61 -34.90
CA LEU A 85 -15.70 -18.97 -35.37
C LEU A 85 -16.79 -18.97 -36.44
N LYS A 86 -17.81 -18.14 -36.25
CA LYS A 86 -18.85 -18.08 -37.26
C LYS A 86 -18.46 -17.24 -38.48
N GLN A 87 -17.58 -16.25 -38.29
CA GLN A 87 -16.98 -15.53 -39.41
C GLN A 87 -16.17 -16.47 -40.32
N LEU A 88 -15.56 -17.49 -39.71
CA LEU A 88 -14.70 -18.43 -40.42
C LEU A 88 -15.42 -19.70 -40.85
N ASN A 89 -16.74 -19.71 -40.68
CA ASN A 89 -17.59 -20.87 -40.99
C ASN A 89 -17.21 -22.16 -40.27
N ILE A 90 -16.70 -22.01 -39.04
CA ILE A 90 -16.51 -23.15 -38.13
C ILE A 90 -17.22 -22.91 -36.78
N PRO A 91 -18.57 -22.87 -36.81
CA PRO A 91 -19.37 -22.42 -35.66
C PRO A 91 -19.14 -23.26 -34.40
N ALA A 92 -19.36 -22.63 -33.25
CA ALA A 92 -19.13 -23.25 -31.94
C ALA A 92 -19.91 -24.55 -31.73
N GLU A 93 -19.27 -25.48 -31.02
CA GLU A 93 -19.95 -26.66 -30.51
C GLU A 93 -19.62 -26.79 -29.01
N PHE A 94 -20.67 -26.83 -28.19
CA PHE A 94 -20.54 -26.98 -26.72
C PHE A 94 -21.16 -28.28 -26.21
N ARG A 95 -20.43 -28.97 -25.32
CA ARG A 95 -20.97 -30.13 -24.61
C ARG A 95 -20.86 -29.88 -23.11
N ASP A 96 -22.01 -29.81 -22.44
CA ASP A 96 -22.10 -29.53 -21.00
C ASP A 96 -21.28 -28.33 -20.55
N GLY A 97 -21.40 -27.24 -21.31
CA GLY A 97 -20.75 -25.97 -20.97
C GLY A 97 -19.30 -25.85 -21.41
N LEU A 98 -18.75 -26.88 -22.04
CA LEU A 98 -17.36 -26.87 -22.49
C LEU A 98 -17.26 -26.96 -24.00
N ARG A 99 -16.38 -26.15 -24.58
CA ARG A 99 -16.27 -26.02 -26.03
C ARG A 99 -15.48 -27.16 -26.64
N VAL A 100 -16.06 -27.80 -27.65
CA VAL A 100 -15.32 -28.78 -28.44
C VAL A 100 -14.22 -28.01 -29.21
N THR A 101 -12.97 -28.39 -28.95
CA THR A 101 -11.81 -27.66 -29.43
C THR A 101 -10.84 -28.55 -30.22
N ASP A 102 -10.98 -28.58 -31.55
CA ASP A 102 -9.95 -29.20 -32.40
C ASP A 102 -8.79 -28.22 -32.60
N ALA A 103 -7.81 -28.61 -33.44
CA ALA A 103 -6.59 -27.80 -33.61
C ALA A 103 -6.85 -26.40 -34.18
N THR A 104 -7.77 -26.33 -35.13
CA THR A 104 -8.16 -25.07 -35.77
C THR A 104 -8.88 -24.15 -34.76
N THR A 105 -9.87 -24.69 -34.05
CA THR A 105 -10.57 -23.94 -33.02
C THR A 105 -9.60 -23.45 -31.92
N MET A 106 -8.66 -24.30 -31.53
CA MET A 106 -7.67 -23.97 -30.49
C MET A 106 -6.89 -22.72 -30.85
N GLU A 107 -6.43 -22.66 -32.10
CA GLU A 107 -5.72 -21.50 -32.61
C GLU A 107 -6.56 -20.23 -32.49
N ILE A 108 -7.83 -20.30 -32.89
CA ILE A 108 -8.74 -19.15 -32.77
C ILE A 108 -9.01 -18.75 -31.31
N VAL A 109 -9.19 -19.76 -30.46
CA VAL A 109 -9.38 -19.54 -29.01
C VAL A 109 -8.21 -18.76 -28.40
N SER A 110 -6.98 -19.18 -28.70
CA SER A 110 -5.79 -18.51 -28.20
C SER A 110 -5.66 -17.10 -28.79
N MET A 111 -5.92 -16.97 -30.10
CA MET A 111 -5.94 -15.66 -30.76
C MET A 111 -6.86 -14.66 -30.08
N VAL A 112 -8.09 -15.08 -29.78
CA VAL A 112 -9.08 -14.18 -29.17
C VAL A 112 -8.78 -13.90 -27.69
N LEU A 113 -8.62 -14.96 -26.89
CA LEU A 113 -8.41 -14.81 -25.46
C LEU A 113 -7.14 -14.03 -25.12
N VAL A 114 -6.05 -14.33 -25.83
CA VAL A 114 -4.75 -13.73 -25.53
C VAL A 114 -4.52 -12.44 -26.32
N GLY A 115 -4.86 -12.45 -27.60
CA GLY A 115 -4.56 -11.31 -28.48
C GLY A 115 -5.58 -10.19 -28.48
N LYS A 116 -6.85 -10.53 -28.24
CA LYS A 116 -7.88 -9.52 -28.10
C LYS A 116 -8.22 -9.23 -26.63
N VAL A 117 -8.86 -10.18 -25.94
CA VAL A 117 -9.39 -9.95 -24.59
C VAL A 117 -8.32 -9.58 -23.57
N ASN A 118 -7.29 -10.42 -23.46
CA ASN A 118 -6.21 -10.18 -22.52
C ASN A 118 -5.58 -8.79 -22.67
N LYS A 119 -5.25 -8.41 -23.90
CA LYS A 119 -4.58 -7.13 -24.12
C LYS A 119 -5.53 -5.94 -24.02
N ASN A 120 -6.82 -6.18 -24.27
CA ASN A 120 -7.86 -5.17 -24.02
C ASN A 120 -7.91 -4.80 -22.52
N LEU A 121 -8.02 -5.81 -21.66
CA LEU A 121 -8.06 -5.60 -20.21
C LEU A 121 -6.77 -4.95 -19.68
N VAL A 122 -5.62 -5.41 -20.17
CA VAL A 122 -4.33 -4.86 -19.78
C VAL A 122 -4.23 -3.37 -20.15
N SER A 123 -4.67 -3.03 -21.36
CA SER A 123 -4.60 -1.63 -21.80
C SER A 123 -5.57 -0.74 -21.02
N LEU A 124 -6.75 -1.27 -20.71
CA LEU A 124 -7.71 -0.53 -19.90
C LEU A 124 -7.17 -0.24 -18.50
N ILE A 125 -6.53 -1.25 -17.89
CA ILE A 125 -5.86 -1.06 -16.60
C ILE A 125 -4.70 -0.06 -16.67
N ASN A 126 -3.88 -0.15 -17.73
CA ASN A 126 -2.78 0.80 -17.93
C ASN A 126 -3.28 2.24 -18.06
N ALA A 127 -4.43 2.41 -18.71
CA ALA A 127 -5.04 3.74 -18.90
C ALA A 127 -5.74 4.27 -17.65
N ALA A 128 -6.04 3.37 -16.71
CA ALA A 128 -6.70 3.71 -15.45
C ALA A 128 -5.71 4.13 -14.36
N GLY A 129 -4.44 4.29 -14.75
CA GLY A 129 -3.42 4.76 -13.83
C GLY A 129 -2.67 3.70 -13.06
N ALA A 130 -2.88 2.43 -13.40
CA ALA A 130 -2.06 1.35 -12.84
C ALA A 130 -1.21 0.78 -13.97
N THR A 131 -0.56 -0.36 -13.74
CA THR A 131 0.19 -1.06 -14.78
C THR A 131 -0.05 -2.56 -14.68
N ALA A 132 -0.49 -3.16 -15.79
CA ALA A 132 -0.80 -4.58 -15.81
C ALA A 132 0.22 -5.36 -16.64
N VAL A 133 0.31 -6.65 -16.34
CA VAL A 133 1.04 -7.60 -17.19
C VAL A 133 0.11 -8.75 -17.51
N GLY A 134 -0.14 -8.96 -18.80
CA GLY A 134 -1.01 -10.04 -19.26
C GLY A 134 -0.23 -11.29 -19.61
N LEU A 135 -0.67 -12.41 -19.06
CA LEU A 135 0.00 -13.69 -19.24
C LEU A 135 -0.98 -14.79 -19.57
N SER A 136 -0.53 -15.73 -20.40
CA SER A 136 -1.24 -16.98 -20.57
C SER A 136 -0.51 -18.05 -19.76
N GLY A 137 -1.08 -19.25 -19.69
CA GLY A 137 -0.45 -20.37 -19.02
C GLY A 137 0.91 -20.75 -19.59
N HIS A 138 1.17 -20.40 -20.85
CA HIS A 138 2.46 -20.67 -21.47
C HIS A 138 3.59 -19.87 -20.83
N ASP A 139 3.28 -18.63 -20.48
CA ASP A 139 4.28 -17.66 -20.05
C ASP A 139 4.84 -17.97 -18.67
N GLY A 140 6.15 -18.18 -18.64
CA GLY A 140 6.86 -18.60 -17.44
C GLY A 140 6.43 -19.97 -16.97
N ARG A 141 5.80 -20.74 -17.87
CA ARG A 141 5.24 -22.06 -17.55
C ARG A 141 4.29 -21.97 -16.35
N LEU A 142 3.52 -20.88 -16.29
CA LEU A 142 2.58 -20.65 -15.21
C LEU A 142 1.61 -21.82 -15.02
N LEU A 143 1.14 -22.41 -16.12
CA LEU A 143 0.28 -23.58 -16.08
C LEU A 143 0.79 -24.67 -17.02
N THR A 144 0.59 -25.93 -16.61
CA THR A 144 0.77 -27.07 -17.49
C THR A 144 -0.56 -27.83 -17.54
N ALA A 145 -1.06 -28.05 -18.76
CA ALA A 145 -2.34 -28.74 -18.94
C ALA A 145 -2.19 -30.25 -19.14
N ARG A 146 -3.29 -30.97 -18.92
CA ARG A 146 -3.40 -32.37 -19.33
C ARG A 146 -4.81 -32.56 -19.91
N PRO A 147 -5.00 -33.58 -20.78
CA PRO A 147 -6.33 -33.76 -21.36
C PRO A 147 -7.40 -33.99 -20.29
N VAL A 148 -8.51 -33.30 -20.45
CA VAL A 148 -9.67 -33.43 -19.59
C VAL A 148 -10.27 -34.85 -19.72
N PRO A 149 -11.03 -35.33 -18.71
CA PRO A 149 -11.59 -36.70 -18.80
C PRO A 149 -12.47 -36.98 -20.03
N ASN A 150 -13.14 -35.95 -20.53
CA ASN A 150 -14.00 -36.05 -21.72
C ASN A 150 -13.28 -35.56 -22.98
N SER A 151 -11.96 -35.69 -23.00
CA SER A 151 -11.14 -35.20 -24.13
C SER A 151 -11.43 -35.89 -25.46
N ALA A 152 -11.91 -37.14 -25.40
CA ALA A 152 -12.30 -37.88 -26.60
C ALA A 152 -13.39 -37.15 -27.38
N GLN A 153 -14.30 -36.50 -26.66
CA GLN A 153 -15.37 -35.71 -27.28
C GLN A 153 -14.97 -34.25 -27.48
N LEU A 154 -14.11 -33.74 -26.59
CA LEU A 154 -13.82 -32.31 -26.49
C LEU A 154 -12.54 -31.86 -27.20
N GLY A 155 -11.62 -32.79 -27.45
CA GLY A 155 -10.35 -32.46 -28.07
C GLY A 155 -9.39 -31.77 -27.12
N PHE A 156 -8.85 -30.63 -27.54
CA PHE A 156 -7.79 -29.95 -26.79
C PHE A 156 -8.35 -29.06 -25.68
N VAL A 157 -9.13 -29.68 -24.81
CA VAL A 157 -9.61 -29.05 -23.58
C VAL A 157 -8.84 -29.63 -22.40
N GLY A 158 -8.37 -28.76 -21.53
CA GLY A 158 -7.44 -29.18 -20.49
C GLY A 158 -7.88 -29.02 -19.05
N GLU A 159 -7.30 -29.87 -18.21
CA GLU A 159 -7.31 -29.73 -16.78
C GLU A 159 -5.94 -29.15 -16.41
N VAL A 160 -5.84 -28.50 -15.25
CA VAL A 160 -4.55 -28.02 -14.76
C VAL A 160 -3.76 -29.16 -14.10
N ALA A 161 -2.69 -29.60 -14.76
CA ALA A 161 -1.81 -30.65 -14.24
C ALA A 161 -0.86 -30.08 -13.18
N ARG A 162 -0.34 -28.89 -13.43
CA ARG A 162 0.39 -28.15 -12.41
C ARG A 162 0.41 -26.63 -12.61
N VAL A 163 0.54 -25.93 -11.49
CA VAL A 163 0.74 -24.49 -11.50
C VAL A 163 2.15 -24.21 -11.02
N ASP A 164 2.85 -23.35 -11.75
CA ASP A 164 4.14 -22.84 -11.30
C ASP A 164 4.01 -21.32 -11.15
N PRO A 165 3.77 -20.85 -9.92
CA PRO A 165 3.53 -19.42 -9.70
C PRO A 165 4.81 -18.56 -9.63
N SER A 166 5.97 -19.16 -9.91
CA SER A 166 7.26 -18.46 -9.85
C SER A 166 7.27 -17.10 -10.56
N VAL A 167 6.79 -17.06 -11.79
CA VAL A 167 6.81 -15.83 -12.58
C VAL A 167 6.00 -14.67 -11.97
N LEU A 168 4.93 -14.99 -11.23
CA LEU A 168 4.10 -13.97 -10.59
C LEU A 168 4.78 -13.27 -9.41
N ARG A 169 5.69 -13.97 -8.74
CA ARG A 169 6.40 -13.42 -7.57
C ARG A 169 7.07 -12.04 -7.85
N PRO A 170 8.02 -11.97 -8.80
CA PRO A 170 8.62 -10.65 -9.04
C PRO A 170 7.69 -9.61 -9.68
N LEU A 171 6.69 -10.04 -10.46
CA LEU A 171 5.75 -9.10 -11.07
C LEU A 171 4.91 -8.37 -10.02
N VAL A 172 4.37 -9.14 -9.08
CA VAL A 172 3.63 -8.59 -7.94
C VAL A 172 4.54 -7.73 -7.03
N ASP A 173 5.79 -8.15 -6.83
CA ASP A 173 6.78 -7.38 -6.08
C ASP A 173 7.09 -6.00 -6.70
N TYR A 174 7.08 -5.95 -8.03
CA TYR A 174 7.27 -4.70 -8.76
C TYR A 174 5.98 -3.88 -8.85
N GLY A 175 4.88 -4.43 -8.35
CA GLY A 175 3.60 -3.72 -8.34
C GLY A 175 2.79 -3.79 -9.65
N TYR A 176 3.04 -4.80 -10.46
CA TYR A 176 2.22 -5.04 -11.64
C TYR A 176 0.99 -5.85 -11.27
N ILE A 177 -0.12 -5.59 -11.94
CA ILE A 177 -1.33 -6.39 -11.79
C ILE A 177 -1.36 -7.50 -12.84
N PRO A 178 -1.28 -8.77 -12.40
CA PRO A 178 -1.35 -9.90 -13.33
C PRO A 178 -2.75 -10.06 -13.92
N VAL A 179 -2.80 -10.32 -15.22
CA VAL A 179 -4.06 -10.57 -15.94
C VAL A 179 -3.88 -11.86 -16.73
N ILE A 180 -4.65 -12.89 -16.36
CA ILE A 180 -4.38 -14.25 -16.85
C ILE A 180 -5.41 -14.79 -17.85
N ALA A 181 -4.91 -15.20 -19.02
CA ALA A 181 -5.70 -15.86 -20.06
C ALA A 181 -5.65 -17.38 -19.90
N SER A 182 -6.79 -18.05 -20.04
CA SER A 182 -6.89 -19.46 -19.69
C SER A 182 -6.58 -20.45 -20.82
N VAL A 183 -5.39 -20.30 -21.41
CA VAL A 183 -4.82 -21.31 -22.30
C VAL A 183 -3.44 -21.68 -21.78
N ALA A 184 -2.98 -22.89 -22.12
CA ALA A 184 -1.69 -23.40 -21.69
C ALA A 184 -1.31 -24.60 -22.54
N ALA A 185 -0.11 -25.14 -22.33
CA ALA A 185 0.32 -26.32 -23.05
C ALA A 185 0.53 -27.50 -22.11
N ASP A 186 0.53 -28.71 -22.68
CA ASP A 186 1.05 -29.87 -21.97
C ASP A 186 2.58 -29.87 -22.08
N ASP A 187 3.24 -30.91 -21.59
CA ASP A 187 4.70 -30.95 -21.55
C ASP A 187 5.38 -31.09 -22.92
N SER A 188 4.65 -31.62 -23.90
CA SER A 188 5.18 -31.73 -25.26
C SER A 188 5.02 -30.46 -26.11
N GLY A 189 4.20 -29.52 -25.64
CA GLY A 189 4.02 -28.23 -26.34
C GLY A 189 2.70 -28.04 -27.07
N GLN A 190 1.77 -29.00 -26.92
CA GLN A 190 0.44 -28.88 -27.49
C GLN A 190 -0.43 -27.96 -26.65
N ALA A 191 -0.99 -26.93 -27.29
CA ALA A 191 -1.86 -25.96 -26.62
C ALA A 191 -3.22 -26.56 -26.22
N TYR A 192 -3.71 -26.15 -25.06
CA TYR A 192 -5.01 -26.60 -24.54
C TYR A 192 -5.89 -25.42 -24.14
N ASN A 193 -7.19 -25.61 -24.26
CA ASN A 193 -8.20 -24.64 -23.86
C ASN A 193 -8.69 -25.04 -22.48
N ILE A 194 -8.51 -24.17 -21.50
CA ILE A 194 -8.90 -24.45 -20.12
C ILE A 194 -10.02 -23.52 -19.67
N ASN A 195 -11.01 -24.09 -18.98
CA ASN A 195 -12.05 -23.32 -18.31
C ASN A 195 -11.46 -22.30 -17.33
N ALA A 196 -11.86 -21.04 -17.49
CA ALA A 196 -11.33 -19.94 -16.70
C ALA A 196 -11.60 -20.04 -15.18
N ASP A 197 -12.79 -20.54 -14.81
CA ASP A 197 -13.08 -20.81 -13.39
C ASP A 197 -12.04 -21.78 -12.82
N THR A 198 -11.74 -22.84 -13.55
CA THR A 198 -10.74 -23.83 -13.14
C THR A 198 -9.38 -23.18 -12.93
N VAL A 199 -8.96 -22.33 -13.88
CA VAL A 199 -7.69 -21.65 -13.79
C VAL A 199 -7.64 -20.75 -12.55
N ALA A 200 -8.71 -20.00 -12.34
CA ALA A 200 -8.80 -19.11 -11.19
C ALA A 200 -8.71 -19.88 -9.86
N GLY A 201 -9.49 -20.97 -9.74
CA GLY A 201 -9.48 -21.78 -8.52
C GLY A 201 -8.11 -22.39 -8.23
N GLU A 202 -7.50 -22.99 -9.25
CA GLU A 202 -6.22 -23.66 -9.07
C GLU A 202 -5.06 -22.67 -8.86
N LEU A 203 -5.18 -21.50 -9.47
CA LEU A 203 -4.21 -20.42 -9.25
C LEU A 203 -4.31 -19.92 -7.81
N ALA A 204 -5.54 -19.73 -7.32
CA ALA A 204 -5.76 -19.35 -5.92
C ALA A 204 -5.13 -20.36 -4.95
N ALA A 205 -5.27 -21.65 -5.25
CA ALA A 205 -4.68 -22.69 -4.41
C ALA A 205 -3.15 -22.62 -4.42
N ALA A 206 -2.57 -22.33 -5.58
CA ALA A 206 -1.13 -22.24 -5.73
C ALA A 206 -0.51 -21.10 -4.92
N LEU A 207 -1.26 -20.00 -4.79
CA LEU A 207 -0.77 -18.79 -4.14
C LEU A 207 -1.13 -18.74 -2.66
N GLY A 208 -1.92 -19.70 -2.20
CA GLY A 208 -2.43 -19.69 -0.83
C GLY A 208 -3.26 -18.43 -0.64
N ALA A 209 -4.09 -18.13 -1.63
CA ALA A 209 -4.85 -16.90 -1.67
C ALA A 209 -5.90 -16.84 -0.56
N GLU A 210 -6.10 -15.63 -0.03
CA GLU A 210 -7.19 -15.37 0.89
C GLU A 210 -8.56 -15.67 0.27
N LYS A 211 -8.77 -15.23 -0.97
CA LYS A 211 -10.09 -15.27 -1.59
C LYS A 211 -10.09 -15.68 -3.06
N LEU A 212 -11.14 -16.41 -3.44
CA LEU A 212 -11.46 -16.65 -4.84
C LEU A 212 -12.82 -15.98 -5.10
N ILE A 213 -12.88 -15.15 -6.14
CA ILE A 213 -14.12 -14.43 -6.43
C ILE A 213 -14.54 -14.65 -7.89
N LEU A 214 -15.70 -15.27 -8.09
CA LEU A 214 -16.18 -15.56 -9.44
C LEU A 214 -17.36 -14.67 -9.81
N LEU A 215 -17.24 -13.93 -10.91
CA LEU A 215 -18.35 -13.11 -11.43
C LEU A 215 -19.21 -13.95 -12.37
N THR A 216 -20.50 -14.02 -12.07
CA THR A 216 -21.45 -14.79 -12.86
C THR A 216 -22.63 -13.93 -13.29
N ASP A 217 -23.60 -14.55 -13.96
CA ASP A 217 -24.80 -13.86 -14.47
C ASP A 217 -26.02 -14.04 -13.57
N VAL A 218 -25.79 -14.48 -12.33
CA VAL A 218 -26.86 -14.65 -11.34
C VAL A 218 -26.50 -14.04 -9.99
N ALA A 219 -27.50 -13.85 -9.13
CA ALA A 219 -27.31 -13.20 -7.83
C ALA A 219 -26.31 -13.92 -6.92
N GLY A 220 -26.21 -15.24 -7.09
CA GLY A 220 -25.33 -16.10 -6.31
C GLY A 220 -25.87 -17.51 -6.33
N ILE A 221 -25.81 -18.19 -5.18
CA ILE A 221 -26.42 -19.51 -5.06
C ILE A 221 -27.82 -19.38 -4.44
N LEU A 222 -28.82 -19.83 -5.19
CA LEU A 222 -30.21 -19.71 -4.76
C LEU A 222 -30.73 -20.97 -4.09
N GLU A 223 -31.52 -20.80 -3.03
CA GLU A 223 -32.21 -21.91 -2.38
C GLU A 223 -33.18 -22.59 -3.35
N ASN A 224 -33.86 -21.78 -4.15
CA ASN A 224 -34.72 -22.26 -5.22
C ASN A 224 -34.23 -21.73 -6.56
N LYS A 225 -33.98 -22.63 -7.50
CA LYS A 225 -33.46 -22.31 -8.84
C LYS A 225 -34.18 -21.15 -9.54
N GLU A 226 -35.45 -20.94 -9.19
CA GLU A 226 -36.29 -19.91 -9.82
C GLU A 226 -36.10 -18.49 -9.25
N ASP A 227 -36.72 -18.19 -8.11
CA ASP A 227 -36.75 -16.82 -7.56
C ASP A 227 -35.41 -16.33 -6.98
N PRO A 228 -34.97 -15.13 -7.40
CA PRO A 228 -33.70 -14.54 -6.97
C PRO A 228 -33.71 -13.94 -5.56
N SER A 229 -34.82 -14.08 -4.83
CA SER A 229 -34.92 -13.57 -3.46
C SER A 229 -34.49 -14.61 -2.41
N SER A 230 -34.30 -15.86 -2.86
CA SER A 230 -33.87 -16.95 -1.99
C SER A 230 -32.35 -17.17 -2.04
N LEU A 231 -31.62 -16.07 -2.26
CA LEU A 231 -30.15 -16.08 -2.32
C LEU A 231 -29.53 -16.45 -0.97
N ILE A 232 -28.65 -17.44 -0.99
CA ILE A 232 -27.89 -17.84 0.19
C ILE A 232 -26.66 -16.93 0.36
N LYS A 233 -26.60 -16.27 1.51
CA LYS A 233 -25.51 -15.36 1.84
C LYS A 233 -24.21 -16.11 2.13
N GLU A 234 -24.27 -17.05 3.07
CA GLU A 234 -23.08 -17.78 3.52
C GLU A 234 -23.38 -19.26 3.81
N ILE A 235 -22.48 -20.12 3.35
CA ILE A 235 -22.61 -21.58 3.47
C ILE A 235 -21.22 -22.23 3.45
N ASP A 236 -21.09 -23.42 4.04
CA ASP A 236 -19.80 -24.12 4.07
C ASP A 236 -19.71 -25.28 3.06
N ILE A 237 -18.54 -25.90 2.94
CA ILE A 237 -18.32 -27.02 2.02
C ILE A 237 -19.40 -28.09 2.17
N LYS A 238 -19.59 -28.56 3.41
CA LYS A 238 -20.57 -29.59 3.72
C LYS A 238 -21.99 -29.17 3.31
N GLY A 239 -22.28 -27.88 3.49
CA GLY A 239 -23.57 -27.31 3.12
C GLY A 239 -23.89 -27.40 1.63
N VAL A 240 -23.01 -26.86 0.78
CA VAL A 240 -23.24 -26.86 -0.66
C VAL A 240 -23.05 -28.22 -1.33
N LYS A 241 -22.21 -29.06 -0.73
CA LYS A 241 -22.04 -30.42 -1.24
C LYS A 241 -23.36 -31.19 -1.10
N LYS A 242 -24.07 -30.96 0.00
CA LYS A 242 -25.43 -31.51 0.18
C LYS A 242 -26.43 -30.92 -0.83
N MET A 243 -26.28 -29.64 -1.14
CA MET A 243 -27.13 -28.96 -2.11
C MET A 243 -27.00 -29.52 -3.53
N ILE A 244 -25.81 -30.04 -3.85
CA ILE A 244 -25.58 -30.71 -5.14
C ILE A 244 -26.29 -32.06 -5.18
N GLU A 245 -26.12 -32.84 -4.11
CA GLU A 245 -26.69 -34.18 -3.99
C GLU A 245 -28.23 -34.12 -3.98
N ASP A 246 -28.78 -33.13 -3.30
CA ASP A 246 -30.22 -32.94 -3.20
C ASP A 246 -30.86 -32.34 -4.47
N GLY A 247 -30.01 -31.82 -5.36
CA GLY A 247 -30.47 -31.27 -6.63
C GLY A 247 -30.94 -29.82 -6.58
N LYS A 248 -30.73 -29.17 -5.44
CA LYS A 248 -31.14 -27.76 -5.24
C LYS A 248 -30.32 -26.78 -6.10
N VAL A 249 -29.13 -27.20 -6.50
CA VAL A 249 -28.31 -26.46 -7.46
C VAL A 249 -28.04 -27.34 -8.70
N ALA A 250 -28.16 -26.74 -9.88
CA ALA A 250 -28.06 -27.49 -11.13
C ALA A 250 -27.30 -26.74 -12.23
N GLY A 251 -27.29 -27.32 -13.43
CA GLY A 251 -26.79 -26.67 -14.64
C GLY A 251 -25.34 -26.20 -14.59
N GLY A 252 -25.12 -24.97 -15.06
CA GLY A 252 -23.78 -24.39 -15.13
C GLY A 252 -23.22 -23.96 -13.79
N MET A 253 -24.06 -24.01 -12.75
CA MET A 253 -23.66 -23.64 -11.39
C MET A 253 -22.93 -24.78 -10.67
N ILE A 254 -23.14 -26.01 -11.13
CA ILE A 254 -22.46 -27.18 -10.53
C ILE A 254 -20.93 -27.16 -10.74
N PRO A 255 -20.46 -26.91 -11.98
CA PRO A 255 -19.01 -26.78 -12.18
C PRO A 255 -18.40 -25.64 -11.35
N LYS A 256 -19.12 -24.53 -11.21
CA LYS A 256 -18.62 -23.38 -10.43
C LYS A 256 -18.38 -23.71 -8.96
N VAL A 257 -19.37 -24.34 -8.34
CA VAL A 257 -19.31 -24.75 -6.94
C VAL A 257 -18.18 -25.76 -6.73
N LYS A 258 -18.04 -26.67 -7.68
CA LYS A 258 -17.00 -27.71 -7.61
C LYS A 258 -15.60 -27.14 -7.66
N CYS A 259 -15.41 -26.10 -8.48
CA CYS A 259 -14.14 -25.37 -8.50
C CYS A 259 -13.89 -24.62 -7.20
N CYS A 260 -14.96 -24.11 -6.59
CA CYS A 260 -14.84 -23.44 -5.29
C CYS A 260 -14.42 -24.44 -4.20
N ILE A 261 -15.07 -25.60 -4.17
CA ILE A 261 -14.75 -26.64 -3.19
C ILE A 261 -13.31 -27.10 -3.37
N ARG A 262 -12.94 -27.30 -4.63
CA ARG A 262 -11.62 -27.78 -4.99
C ARG A 262 -10.51 -26.85 -4.46
N SER A 263 -10.67 -25.54 -4.63
CA SER A 263 -9.67 -24.61 -4.11
C SER A 263 -9.76 -24.38 -2.60
N LEU A 264 -10.97 -24.37 -2.06
CA LEU A 264 -11.18 -24.33 -0.61
C LEU A 264 -10.46 -25.48 0.10
N ALA A 265 -10.66 -26.70 -0.40
CA ALA A 265 -10.00 -27.90 0.13
C ALA A 265 -8.48 -27.77 0.14
N GLN A 266 -7.95 -26.96 -0.77
CA GLN A 266 -6.51 -26.75 -0.89
C GLN A 266 -5.94 -25.59 -0.06
N GLY A 267 -6.79 -24.95 0.74
CA GLY A 267 -6.33 -23.94 1.68
C GLY A 267 -6.76 -22.50 1.43
N VAL A 268 -7.48 -22.26 0.34
CA VAL A 268 -8.07 -20.94 0.08
C VAL A 268 -9.11 -20.68 1.17
N LYS A 269 -9.12 -19.49 1.77
CA LYS A 269 -9.95 -19.25 2.96
C LYS A 269 -11.44 -19.12 2.63
N THR A 270 -11.77 -18.27 1.66
CA THR A 270 -13.16 -18.10 1.23
C THR A 270 -13.28 -18.12 -0.28
N ALA A 271 -14.43 -18.57 -0.77
CA ALA A 271 -14.72 -18.54 -2.19
C ALA A 271 -16.12 -17.96 -2.41
N SER A 272 -16.19 -16.91 -3.21
CA SER A 272 -17.45 -16.22 -3.44
C SER A 272 -17.93 -16.30 -4.90
N ILE A 273 -19.20 -16.63 -5.08
CA ILE A 273 -19.86 -16.57 -6.38
C ILE A 273 -20.78 -15.36 -6.33
N ILE A 274 -20.54 -14.39 -7.21
CA ILE A 274 -21.19 -13.08 -7.11
C ILE A 274 -21.79 -12.60 -8.43
N ASP A 275 -22.66 -11.60 -8.32
CA ASP A 275 -23.44 -11.10 -9.44
C ASP A 275 -22.67 -10.07 -10.25
N GLY A 276 -22.09 -10.51 -11.36
CA GLY A 276 -21.36 -9.63 -12.27
C GLY A 276 -22.20 -8.56 -12.95
N ARG A 277 -23.52 -8.74 -12.94
CA ARG A 277 -24.47 -7.78 -13.52
C ARG A 277 -24.57 -6.48 -12.69
N ARG A 278 -24.15 -6.57 -11.43
CA ARG A 278 -24.22 -5.44 -10.50
C ARG A 278 -22.97 -4.54 -10.66
N GLN A 279 -23.21 -3.24 -10.78
CA GLN A 279 -22.16 -2.23 -10.78
C GLN A 279 -21.30 -2.36 -9.53
N HIS A 280 -19.98 -2.33 -9.72
CA HIS A 280 -19.00 -2.37 -8.63
C HIS A 280 -19.13 -3.60 -7.70
N SER A 281 -19.60 -4.72 -8.26
CA SER A 281 -19.86 -5.93 -7.50
C SER A 281 -18.65 -6.39 -6.71
N LEU A 282 -17.47 -6.27 -7.32
CA LEU A 282 -16.21 -6.64 -6.70
C LEU A 282 -15.95 -5.84 -5.43
N LEU A 283 -16.13 -4.52 -5.51
CA LEU A 283 -16.02 -3.66 -4.33
C LEU A 283 -17.07 -3.98 -3.28
N HIS A 284 -18.30 -4.27 -3.71
CA HIS A 284 -19.37 -4.65 -2.79
C HIS A 284 -19.02 -5.91 -2.02
N GLU A 285 -18.44 -6.89 -2.72
CA GLU A 285 -18.10 -8.17 -2.12
C GLU A 285 -17.05 -8.03 -1.03
N ILE A 286 -16.07 -7.17 -1.26
CA ILE A 286 -14.94 -7.01 -0.35
C ILE A 286 -15.15 -5.92 0.69
N MET A 287 -15.80 -4.82 0.30
CA MET A 287 -15.89 -3.63 1.17
C MET A 287 -17.18 -3.51 2.00
N SER A 288 -18.02 -4.54 1.99
CA SER A 288 -19.22 -4.55 2.83
C SER A 288 -19.40 -5.90 3.54
N ASP A 289 -20.14 -5.90 4.64
CA ASP A 289 -20.42 -7.13 5.39
C ASP A 289 -21.41 -8.05 4.69
N GLU A 290 -22.31 -7.48 3.91
CA GLU A 290 -23.34 -8.25 3.20
C GLU A 290 -22.76 -9.07 2.04
N GLY A 291 -21.80 -8.48 1.33
CA GLY A 291 -21.22 -9.11 0.15
C GLY A 291 -22.03 -8.86 -1.10
N ALA A 292 -21.75 -9.61 -2.16
CA ALA A 292 -22.43 -9.42 -3.43
C ALA A 292 -22.90 -10.75 -4.01
N GLY A 293 -23.10 -11.73 -3.14
CA GLY A 293 -23.54 -13.06 -3.54
C GLY A 293 -23.33 -14.07 -2.44
N THR A 294 -22.85 -15.25 -2.82
CA THR A 294 -22.68 -16.36 -1.87
C THR A 294 -21.22 -16.54 -1.48
N MET A 295 -20.94 -16.50 -0.18
CA MET A 295 -19.63 -16.87 0.33
C MET A 295 -19.62 -18.33 0.79
N ILE A 296 -18.68 -19.11 0.25
CA ILE A 296 -18.46 -20.48 0.69
C ILE A 296 -17.18 -20.57 1.52
N THR A 297 -17.30 -21.07 2.75
CA THR A 297 -16.16 -21.14 3.68
C THR A 297 -15.59 -22.55 3.81
N GLY A 298 -14.30 -22.62 4.13
CA GLY A 298 -13.61 -23.90 4.34
C GLY A 298 -13.95 -24.53 5.67
N SER B 16 -27.64 4.86 1.13
CA SER B 16 -27.81 3.46 0.64
C SER B 16 -26.46 2.79 0.35
N PRO B 17 -26.37 1.44 0.54
CA PRO B 17 -25.13 0.68 0.29
C PRO B 17 -24.62 0.80 -1.15
N ASP B 18 -25.55 0.89 -2.11
CA ASP B 18 -25.23 1.01 -3.52
C ASP B 18 -24.55 2.35 -3.84
N TYR B 19 -24.93 3.38 -3.10
CA TYR B 19 -24.39 4.74 -3.27
C TYR B 19 -23.07 4.96 -2.55
N ARG B 20 -22.94 4.39 -1.34
CA ARG B 20 -21.72 4.52 -0.53
C ARG B 20 -20.48 3.92 -1.20
N VAL B 21 -20.66 2.74 -1.81
CA VAL B 21 -19.57 2.03 -2.48
C VAL B 21 -19.06 2.79 -3.71
N GLU B 22 -19.96 3.40 -4.47
CA GLU B 22 -19.53 4.18 -5.63
C GLU B 22 -18.84 5.49 -5.24
N ILE B 23 -19.12 5.97 -4.03
CA ILE B 23 -18.46 7.15 -3.48
C ILE B 23 -17.02 6.81 -3.05
N LEU B 24 -16.83 5.59 -2.52
CA LEU B 24 -15.50 5.08 -2.20
C LEU B 24 -14.65 5.03 -3.47
N SER B 25 -15.22 4.50 -4.55
CA SER B 25 -14.49 4.36 -5.80
C SER B 25 -14.25 5.70 -6.49
N GLU B 26 -15.00 6.73 -6.08
CA GLU B 26 -14.77 8.08 -6.60
C GLU B 26 -13.51 8.72 -6.03
N SER B 27 -12.99 8.14 -4.94
CA SER B 27 -11.76 8.62 -4.32
C SER B 27 -10.48 8.13 -5.03
N LEU B 28 -10.63 7.22 -5.99
CA LEU B 28 -9.50 6.61 -6.70
C LEU B 28 -8.48 7.61 -7.28
N PRO B 29 -8.93 8.60 -8.08
CA PRO B 29 -7.92 9.49 -8.68
C PRO B 29 -7.16 10.29 -7.64
N PHE B 30 -7.82 10.57 -6.51
CA PHE B 30 -7.22 11.31 -5.41
C PHE B 30 -6.23 10.45 -4.63
N ILE B 31 -6.56 9.17 -4.46
CA ILE B 31 -5.66 8.20 -3.85
C ILE B 31 -4.37 8.02 -4.65
N GLN B 32 -4.50 7.84 -5.96
CA GLN B 32 -3.34 7.55 -6.79
C GLN B 32 -2.45 8.75 -7.11
N LYS B 33 -2.97 9.96 -6.91
CA LYS B 33 -2.26 11.20 -7.25
C LYS B 33 -0.94 11.41 -6.50
N PHE B 34 -0.92 11.08 -5.21
CA PHE B 34 0.30 11.22 -4.42
C PHE B 34 0.80 9.88 -3.86
N ARG B 35 0.39 8.78 -4.50
CA ARG B 35 0.89 7.45 -4.15
C ARG B 35 2.42 7.42 -4.03
N GLY B 36 2.91 6.83 -2.94
CA GLY B 36 4.34 6.66 -2.74
C GLY B 36 5.09 7.92 -2.33
N LYS B 37 4.37 9.01 -2.10
CA LYS B 37 4.98 10.29 -1.73
C LYS B 37 5.12 10.45 -0.22
N THR B 38 6.23 11.06 0.20
CA THR B 38 6.47 11.37 1.60
C THR B 38 5.76 12.67 1.96
N ILE B 39 4.94 12.61 3.00
CA ILE B 39 4.19 13.74 3.53
C ILE B 39 4.55 13.91 5.00
N VAL B 40 5.06 15.08 5.37
CA VAL B 40 5.30 15.35 6.78
C VAL B 40 4.07 16.06 7.38
N VAL B 41 3.46 15.37 8.35
CA VAL B 41 2.27 15.88 9.02
C VAL B 41 2.66 16.32 10.42
N LYS B 42 2.51 17.61 10.70
CA LYS B 42 2.75 18.13 12.05
C LYS B 42 1.43 18.33 12.78
N TYR B 43 1.29 17.60 13.90
CA TYR B 43 0.10 17.63 14.72
C TYR B 43 0.34 18.56 15.90
N GLY B 44 -0.21 19.76 15.82
CA GLY B 44 0.06 20.79 16.83
C GLY B 44 -0.60 20.53 18.16
N GLY B 45 0.09 20.95 19.23
CA GLY B 45 -0.42 20.82 20.60
C GLY B 45 -1.79 21.47 20.77
N ALA B 46 -1.96 22.63 20.15
CA ALA B 46 -3.21 23.40 20.27
C ALA B 46 -4.42 22.66 19.67
N ALA B 47 -4.16 21.74 18.76
CA ALA B 47 -5.22 20.97 18.09
C ALA B 47 -5.71 19.77 18.90
N MET B 48 -4.93 19.35 19.90
CA MET B 48 -5.23 18.15 20.68
C MET B 48 -6.18 18.44 21.84
N THR B 49 -7.36 18.94 21.52
CA THR B 49 -8.31 19.45 22.52
C THR B 49 -9.26 18.39 23.07
N SER B 50 -9.26 17.22 22.46
CA SER B 50 -10.24 16.18 22.78
C SER B 50 -9.66 14.79 22.49
N PRO B 51 -10.00 13.79 23.33
CA PRO B 51 -9.59 12.39 23.06
C PRO B 51 -10.18 11.85 21.75
N GLU B 52 -11.42 12.23 21.44
CA GLU B 52 -12.08 11.84 20.20
C GLU B 52 -11.38 12.43 18.97
N LEU B 53 -10.95 13.69 19.08
CA LEU B 53 -10.23 14.34 17.99
C LEU B 53 -8.82 13.79 17.81
N LYS B 54 -8.17 13.41 18.92
CA LYS B 54 -6.85 12.77 18.84
C LYS B 54 -6.94 11.45 18.07
N SER B 55 -7.93 10.63 18.37
CA SER B 55 -8.02 9.33 17.70
C SER B 55 -8.59 9.44 16.29
N SER B 56 -9.27 10.55 16.01
CA SER B 56 -9.76 10.87 14.68
C SER B 56 -8.59 11.27 13.76
N VAL B 57 -7.68 12.06 14.29
CA VAL B 57 -6.52 12.51 13.53
C VAL B 57 -5.56 11.34 13.22
N VAL B 58 -5.34 10.45 14.18
CA VAL B 58 -4.48 9.29 13.90
C VAL B 58 -5.16 8.35 12.93
N SER B 59 -6.50 8.35 12.93
CA SER B 59 -7.29 7.61 11.96
C SER B 59 -7.00 8.10 10.54
N ASP B 60 -6.99 9.43 10.36
CA ASP B 60 -6.70 10.06 9.08
C ASP B 60 -5.27 9.72 8.65
N LEU B 61 -4.35 9.75 9.59
CA LEU B 61 -2.95 9.48 9.32
C LEU B 61 -2.75 8.02 8.90
N VAL B 62 -3.38 7.11 9.65
CA VAL B 62 -3.32 5.68 9.35
C VAL B 62 -3.91 5.40 7.96
N LEU B 63 -5.07 6.00 7.69
CA LEU B 63 -5.72 5.90 6.38
C LEU B 63 -4.79 6.26 5.23
N LEU B 64 -3.99 7.31 5.39
CA LEU B 64 -3.03 7.73 4.36
C LEU B 64 -1.93 6.71 4.11
N ALA B 65 -1.48 6.05 5.16
CA ALA B 65 -0.48 4.99 5.04
C ALA B 65 -1.05 3.78 4.30
N CYS B 66 -2.25 3.34 4.69
CA CYS B 66 -2.90 2.16 4.13
C CYS B 66 -3.23 2.35 2.66
N VAL B 67 -3.40 3.61 2.28
CA VAL B 67 -3.83 3.98 0.94
C VAL B 67 -2.64 4.22 -0.01
N GLY B 68 -1.42 4.09 0.50
CA GLY B 68 -0.23 4.15 -0.34
C GLY B 68 0.70 5.35 -0.19
N LEU B 69 0.34 6.30 0.68
CA LEU B 69 1.21 7.44 0.96
C LEU B 69 2.23 7.09 2.04
N ARG B 70 3.21 7.96 2.28
CA ARG B 70 4.21 7.72 3.30
C ARG B 70 4.23 8.85 4.35
N PRO B 71 3.25 8.84 5.29
CA PRO B 71 3.19 9.91 6.28
C PRO B 71 4.22 9.75 7.39
N ILE B 72 4.82 10.86 7.79
CA ILE B 72 5.71 10.95 8.94
C ILE B 72 5.04 11.91 9.89
N LEU B 73 4.84 11.51 11.13
CA LEU B 73 4.14 12.36 12.10
C LEU B 73 5.12 13.11 12.98
N VAL B 74 5.01 14.45 12.96
CA VAL B 74 5.68 15.28 13.96
C VAL B 74 4.59 15.88 14.82
N HIS B 75 4.85 16.03 16.13
CA HIS B 75 3.85 16.64 17.02
C HIS B 75 4.45 17.72 17.90
N GLY B 76 3.59 18.58 18.45
CA GLY B 76 3.97 19.52 19.50
C GLY B 76 3.36 19.13 20.84
N GLY B 77 3.08 20.12 21.68
CA GLY B 77 2.45 19.86 22.98
C GLY B 77 2.51 21.02 23.95
N GLY B 78 2.47 22.23 23.41
CA GLY B 78 2.48 23.47 24.21
C GLY B 78 1.52 23.49 25.39
N PRO B 79 0.23 23.19 25.14
CA PRO B 79 -0.73 23.25 26.25
C PRO B 79 -0.53 22.15 27.31
N ASP B 80 -0.07 20.98 26.88
CA ASP B 80 0.27 19.87 27.79
C ASP B 80 1.40 20.23 28.74
N ILE B 81 2.44 20.87 28.18
CA ILE B 81 3.54 21.45 28.96
C ILE B 81 3.01 22.51 29.93
N ASN B 82 2.27 23.49 29.40
CA ASN B 82 1.71 24.58 30.23
C ASN B 82 0.95 24.08 31.45
N ARG B 83 0.12 23.05 31.27
CA ARG B 83 -0.61 22.45 32.39
C ARG B 83 0.33 21.93 33.50
N TYR B 84 1.44 21.30 33.12
CA TYR B 84 2.38 20.79 34.12
C TYR B 84 3.17 21.88 34.81
N LEU B 85 3.54 22.93 34.07
CA LEU B 85 4.17 24.12 34.68
C LEU B 85 3.26 24.74 35.73
N LYS B 86 1.99 24.91 35.40
CA LYS B 86 0.98 25.37 36.39
C LYS B 86 0.97 24.50 37.65
N GLN B 87 0.86 23.18 37.47
CA GLN B 87 0.79 22.25 38.62
C GLN B 87 2.03 22.31 39.48
N LEU B 88 3.19 22.41 38.83
CA LEU B 88 4.48 22.43 39.52
C LEU B 88 4.88 23.82 40.00
N ASN B 89 4.01 24.81 39.74
CA ASN B 89 4.23 26.20 40.19
C ASN B 89 5.42 26.88 39.51
N ILE B 90 5.59 26.62 38.22
CA ILE B 90 6.63 27.24 37.42
C ILE B 90 6.07 28.25 36.40
N PRO B 91 6.51 29.52 36.49
CA PRO B 91 6.12 30.57 35.51
C PRO B 91 6.48 30.18 34.08
N ALA B 92 5.59 30.52 33.15
CA ALA B 92 5.84 30.29 31.73
C ALA B 92 5.87 31.62 30.96
N GLU B 93 6.63 31.64 29.87
CA GLU B 93 6.77 32.83 29.03
C GLU B 93 7.07 32.45 27.58
N PHE B 94 6.45 33.18 26.65
CA PHE B 94 6.68 33.00 25.22
C PHE B 94 7.02 34.33 24.53
N ARG B 95 7.94 34.26 23.57
CA ARG B 95 8.33 35.42 22.76
C ARG B 95 8.35 34.99 21.30
N ASP B 96 7.54 35.66 20.47
CA ASP B 96 7.36 35.29 19.05
C ASP B 96 7.13 33.79 18.84
N GLY B 97 6.27 33.22 19.66
CA GLY B 97 5.88 31.81 19.56
C GLY B 97 6.90 30.79 20.05
N LEU B 98 7.96 31.27 20.72
CA LEU B 98 8.98 30.37 21.26
C LEU B 98 8.98 30.43 22.78
N ARG B 99 9.04 29.25 23.41
CA ARG B 99 9.07 29.18 24.87
C ARG B 99 10.44 29.54 25.43
N VAL B 100 10.46 30.52 26.34
CA VAL B 100 11.62 30.78 27.17
C VAL B 100 11.85 29.56 28.07
N THR B 101 13.03 28.95 27.94
CA THR B 101 13.27 27.65 28.55
C THR B 101 14.54 27.62 29.40
N ASP B 102 14.36 27.71 30.71
CA ASP B 102 15.47 27.51 31.64
C ASP B 102 15.69 26.01 31.86
N ALA B 103 16.66 25.66 32.72
CA ALA B 103 17.08 24.26 32.91
C ALA B 103 15.94 23.38 33.45
N THR B 104 15.23 23.88 34.46
CA THR B 104 14.09 23.19 35.05
C THR B 104 12.96 22.96 34.02
N THR B 105 12.67 23.98 33.22
CA THR B 105 11.65 23.87 32.17
C THR B 105 12.04 22.89 31.05
N MET B 106 13.32 22.81 30.72
CA MET B 106 13.83 21.86 29.73
C MET B 106 13.47 20.43 30.13
N GLU B 107 13.84 20.06 31.35
CA GLU B 107 13.52 18.74 31.87
C GLU B 107 12.01 18.43 31.71
N ILE B 108 11.17 19.37 32.15
CA ILE B 108 9.71 19.22 32.05
C ILE B 108 9.21 19.16 30.60
N VAL B 109 9.83 19.96 29.72
CA VAL B 109 9.49 19.94 28.29
C VAL B 109 9.72 18.55 27.71
N SER B 110 10.90 18.00 27.99
CA SER B 110 11.27 16.68 27.52
C SER B 110 10.35 15.61 28.09
N MET B 111 10.07 15.63 29.40
CA MET B 111 9.19 14.61 29.95
C MET B 111 7.74 14.64 29.42
N VAL B 112 7.20 15.84 29.22
CA VAL B 112 5.84 15.98 28.70
C VAL B 112 5.73 15.55 27.23
N LEU B 113 6.62 16.09 26.39
CA LEU B 113 6.59 15.84 24.95
C LEU B 113 6.90 14.37 24.60
N VAL B 114 7.94 13.82 25.20
CA VAL B 114 8.37 12.46 24.91
C VAL B 114 7.58 11.43 25.72
N GLY B 115 7.43 11.66 27.01
CA GLY B 115 6.82 10.68 27.90
C GLY B 115 5.29 10.67 27.97
N LYS B 116 4.67 11.82 27.66
CA LYS B 116 3.21 11.84 27.61
C LYS B 116 2.68 11.82 26.17
N VAL B 117 2.93 12.91 25.44
CA VAL B 117 2.32 13.12 24.12
C VAL B 117 2.78 12.10 23.07
N ASN B 118 4.09 11.92 22.94
CA ASN B 118 4.66 10.98 21.97
C ASN B 118 4.10 9.57 22.14
N LYS B 119 4.10 9.07 23.38
CA LYS B 119 3.65 7.71 23.65
C LYS B 119 2.13 7.58 23.61
N ASN B 120 1.43 8.67 23.91
CA ASN B 120 -0.01 8.73 23.70
C ASN B 120 -0.35 8.48 22.21
N LEU B 121 0.33 9.20 21.32
CA LEU B 121 0.09 9.08 19.89
C LEU B 121 0.55 7.73 19.33
N VAL B 122 1.73 7.28 19.75
CA VAL B 122 2.24 5.96 19.38
C VAL B 122 1.22 4.88 19.78
N SER B 123 0.68 5.02 20.98
CA SER B 123 -0.27 4.07 21.55
C SER B 123 -1.59 4.07 20.79
N LEU B 124 -2.07 5.25 20.42
CA LEU B 124 -3.29 5.39 19.64
C LEU B 124 -3.14 4.78 18.24
N ILE B 125 -2.00 4.98 17.61
CA ILE B 125 -1.72 4.40 16.29
C ILE B 125 -1.66 2.87 16.36
N ASN B 126 -1.04 2.32 17.40
CA ASN B 126 -0.98 0.85 17.58
C ASN B 126 -2.33 0.21 17.79
N ALA B 127 -3.27 0.97 18.36
CA ALA B 127 -4.63 0.47 18.60
C ALA B 127 -5.54 0.67 17.39
N ALA B 128 -5.03 1.32 16.35
CA ALA B 128 -5.81 1.61 15.14
C ALA B 128 -5.48 0.68 13.95
N GLY B 129 -4.83 -0.45 14.21
CA GLY B 129 -4.46 -1.39 13.14
C GLY B 129 -3.19 -1.05 12.39
N ALA B 130 -2.33 -0.24 12.99
CA ALA B 130 -1.02 0.08 12.44
C ALA B 130 0.01 -0.09 13.55
N THR B 131 1.28 0.15 13.24
CA THR B 131 2.33 0.13 14.27
C THR B 131 3.21 1.37 14.12
N ALA B 132 3.38 2.10 15.22
CA ALA B 132 4.19 3.30 15.21
C ALA B 132 5.48 3.12 15.99
N VAL B 133 6.47 3.96 15.69
CA VAL B 133 7.69 4.04 16.48
C VAL B 133 7.89 5.50 16.85
N GLY B 134 7.95 5.78 18.15
CA GLY B 134 8.15 7.15 18.63
C GLY B 134 9.61 7.48 18.87
N LEU B 135 10.05 8.61 18.31
CA LEU B 135 11.43 9.05 18.46
C LEU B 135 11.50 10.53 18.83
N SER B 136 12.51 10.88 19.61
CA SER B 136 12.87 12.28 19.81
C SER B 136 14.10 12.53 18.94
N GLY B 137 14.55 13.79 18.88
CA GLY B 137 15.75 14.13 18.13
C GLY B 137 16.99 13.39 18.60
N HIS B 138 17.01 13.01 19.88
CA HIS B 138 18.10 12.23 20.46
C HIS B 138 18.28 10.89 19.78
N ASP B 139 17.15 10.25 19.47
CA ASP B 139 17.15 8.84 19.08
C ASP B 139 17.68 8.60 17.68
N GLY B 140 18.72 7.79 17.59
CA GLY B 140 19.43 7.55 16.33
C GLY B 140 20.15 8.80 15.84
N ARG B 141 20.28 9.80 16.73
CA ARG B 141 20.86 11.10 16.39
C ARG B 141 20.09 11.72 15.22
N LEU B 142 18.76 11.59 15.27
CA LEU B 142 17.88 12.12 14.23
C LEU B 142 18.06 13.62 14.02
N LEU B 143 18.19 14.36 15.12
CA LEU B 143 18.40 15.80 15.08
C LEU B 143 19.59 16.19 15.94
N THR B 144 20.40 17.13 15.45
CA THR B 144 21.41 17.75 16.30
C THR B 144 21.01 19.22 16.47
N ALA B 145 20.85 19.63 17.72
CA ALA B 145 20.48 21.01 18.04
C ALA B 145 21.68 21.93 18.17
N ARG B 146 21.38 23.24 18.24
CA ARG B 146 22.37 24.28 18.43
C ARG B 146 21.66 25.44 19.13
N PRO B 147 22.33 26.11 20.10
CA PRO B 147 21.67 27.23 20.76
C PRO B 147 21.36 28.37 19.79
N VAL B 148 20.24 29.05 19.99
CA VAL B 148 19.88 30.23 19.21
C VAL B 148 20.78 31.43 19.62
N PRO B 149 20.88 32.47 18.75
CA PRO B 149 21.71 33.64 19.07
C PRO B 149 21.33 34.30 20.40
N ASN B 150 20.02 34.48 20.63
CA ASN B 150 19.54 35.11 21.86
C ASN B 150 19.30 34.14 23.02
N SER B 151 20.32 33.33 23.31
CA SER B 151 20.32 32.40 24.44
C SER B 151 20.14 33.12 25.77
N ALA B 152 20.74 34.31 25.88
CA ALA B 152 20.64 35.12 27.09
C ALA B 152 19.20 35.48 27.45
N GLN B 153 18.31 35.47 26.45
CA GLN B 153 16.89 35.73 26.67
C GLN B 153 16.01 34.48 26.63
N LEU B 154 16.27 33.60 25.67
CA LEU B 154 15.41 32.43 25.47
C LEU B 154 15.81 31.21 26.28
N GLY B 155 17.08 31.16 26.70
CA GLY B 155 17.62 30.00 27.41
C GLY B 155 17.87 28.84 26.46
N PHE B 156 17.51 27.63 26.89
CA PHE B 156 17.80 26.40 26.15
C PHE B 156 16.81 26.14 24.99
N VAL B 157 16.63 27.16 24.14
CA VAL B 157 15.87 27.03 22.90
C VAL B 157 16.85 26.75 21.76
N GLY B 158 16.55 25.71 20.98
CA GLY B 158 17.43 25.27 19.92
C GLY B 158 16.99 25.56 18.51
N GLU B 159 17.98 25.62 17.63
CA GLU B 159 17.78 25.63 16.20
C GLU B 159 18.24 24.25 15.71
N VAL B 160 17.78 23.84 14.53
CA VAL B 160 18.25 22.59 13.94
C VAL B 160 19.58 22.81 13.21
N ALA B 161 20.66 22.22 13.74
CA ALA B 161 21.99 22.28 13.11
C ALA B 161 22.18 21.19 12.08
N ARG B 162 21.69 19.98 12.38
CA ARG B 162 21.75 18.84 11.46
C ARG B 162 20.52 17.94 11.57
N VAL B 163 20.10 17.38 10.43
CA VAL B 163 19.14 16.26 10.45
C VAL B 163 19.85 15.05 9.90
N ASP B 164 19.78 13.94 10.63
CA ASP B 164 20.26 12.66 10.12
C ASP B 164 19.09 11.68 10.01
N PRO B 165 18.50 11.56 8.81
CA PRO B 165 17.31 10.73 8.60
C PRO B 165 17.57 9.21 8.56
N SER B 166 18.80 8.78 8.82
CA SER B 166 19.19 7.37 8.68
C SER B 166 18.32 6.39 9.47
N VAL B 167 18.06 6.69 10.73
CA VAL B 167 17.25 5.80 11.59
C VAL B 167 15.83 5.56 11.03
N LEU B 168 15.33 6.53 10.27
CA LEU B 168 14.00 6.44 9.66
C LEU B 168 13.90 5.45 8.50
N ARG B 169 15.03 5.19 7.81
CA ARG B 169 15.02 4.30 6.64
C ARG B 169 14.60 2.84 6.96
N PRO B 170 15.29 2.18 7.92
CA PRO B 170 14.82 0.81 8.23
C PRO B 170 13.42 0.76 8.88
N LEU B 171 13.03 1.80 9.62
CA LEU B 171 11.71 1.83 10.27
C LEU B 171 10.59 1.91 9.26
N VAL B 172 10.74 2.81 8.28
CA VAL B 172 9.80 2.92 7.17
C VAL B 172 9.84 1.68 6.27
N ASP B 173 11.04 1.12 6.06
CA ASP B 173 11.15 -0.11 5.28
C ASP B 173 10.37 -1.28 5.90
N TYR B 174 10.23 -1.25 7.22
CA TYR B 174 9.53 -2.31 7.94
C TYR B 174 8.03 -2.03 8.09
N GLY B 175 7.61 -0.86 7.64
CA GLY B 175 6.20 -0.46 7.70
C GLY B 175 5.78 0.23 8.99
N TYR B 176 6.72 0.79 9.73
CA TYR B 176 6.40 1.56 10.94
C TYR B 176 6.16 3.04 10.60
N ILE B 177 5.15 3.62 11.22
CA ILE B 177 4.90 5.05 11.10
C ILE B 177 5.70 5.76 12.20
N PRO B 178 6.71 6.56 11.82
CA PRO B 178 7.46 7.31 12.82
C PRO B 178 6.65 8.44 13.42
N VAL B 179 6.86 8.69 14.72
CA VAL B 179 6.19 9.75 15.44
C VAL B 179 7.27 10.56 16.17
N ILE B 180 7.46 11.81 15.77
CA ILE B 180 8.63 12.60 16.16
C ILE B 180 8.36 13.70 17.20
N ALA B 181 9.06 13.63 18.33
CA ALA B 181 9.05 14.66 19.36
C ALA B 181 10.19 15.63 19.13
N SER B 182 10.01 16.89 19.53
CA SER B 182 10.89 17.97 19.12
C SER B 182 11.94 18.39 20.15
N VAL B 183 12.51 17.43 20.86
CA VAL B 183 13.67 17.73 21.71
C VAL B 183 14.89 17.04 21.15
N ALA B 184 16.06 17.61 21.41
CA ALA B 184 17.32 17.09 20.89
C ALA B 184 18.46 17.64 21.74
N ALA B 185 19.68 17.21 21.43
CA ALA B 185 20.86 17.71 22.13
C ALA B 185 21.85 18.30 21.12
N ASP B 186 22.76 19.15 21.59
CA ASP B 186 23.94 19.49 20.77
C ASP B 186 24.94 18.33 20.83
N ASP B 187 26.13 18.50 20.27
CA ASP B 187 27.11 17.42 20.23
C ASP B 187 27.72 17.09 21.60
N SER B 188 27.67 18.05 22.52
CA SER B 188 28.18 17.82 23.88
C SER B 188 27.17 17.13 24.81
N GLY B 189 25.95 16.90 24.32
CA GLY B 189 24.92 16.24 25.10
C GLY B 189 24.00 17.14 25.91
N GLN B 190 24.09 18.46 25.70
CA GLN B 190 23.18 19.42 26.33
C GLN B 190 21.85 19.46 25.59
N ALA B 191 20.76 19.26 26.33
CA ALA B 191 19.42 19.17 25.75
C ALA B 191 18.88 20.55 25.35
N TYR B 192 18.19 20.59 24.21
CA TYR B 192 17.55 21.80 23.71
C TYR B 192 16.08 21.61 23.35
N ASN B 193 15.30 22.65 23.61
CA ASN B 193 13.91 22.69 23.23
C ASN B 193 13.79 23.34 21.85
N ILE B 194 13.33 22.56 20.88
CA ILE B 194 13.12 23.06 19.51
C ILE B 194 11.62 23.14 19.23
N ASN B 195 11.16 24.28 18.73
CA ASN B 195 9.75 24.41 18.33
C ASN B 195 9.35 23.32 17.32
N ALA B 196 8.17 22.75 17.52
CA ALA B 196 7.78 21.57 16.75
C ALA B 196 7.57 21.86 15.27
N ASP B 197 7.15 23.10 14.95
CA ASP B 197 7.07 23.57 13.56
C ASP B 197 8.44 23.53 12.87
N THR B 198 9.46 24.08 13.54
CA THR B 198 10.83 24.12 13.01
C THR B 198 11.34 22.70 12.67
N VAL B 199 11.14 21.77 13.58
CA VAL B 199 11.49 20.37 13.38
C VAL B 199 10.78 19.78 12.15
N ALA B 200 9.47 19.92 12.10
CA ALA B 200 8.67 19.38 11.01
C ALA B 200 9.16 19.89 9.66
N GLY B 201 9.50 21.17 9.60
CA GLY B 201 9.97 21.79 8.37
C GLY B 201 11.34 21.32 7.92
N GLU B 202 12.26 21.16 8.86
CA GLU B 202 13.60 20.68 8.52
C GLU B 202 13.63 19.19 8.19
N LEU B 203 12.73 18.43 8.82
CA LEU B 203 12.60 17.01 8.52
C LEU B 203 12.02 16.79 7.13
N ALA B 204 11.04 17.60 6.75
CA ALA B 204 10.46 17.57 5.41
C ALA B 204 11.52 17.85 4.34
N ALA B 205 12.37 18.83 4.61
CA ALA B 205 13.51 19.12 3.75
C ALA B 205 14.49 17.93 3.65
N ALA B 206 14.81 17.31 4.79
CA ALA B 206 15.73 16.17 4.81
C ALA B 206 15.20 14.96 4.04
N LEU B 207 13.89 14.76 4.08
CA LEU B 207 13.27 13.63 3.41
C LEU B 207 12.88 13.91 1.95
N GLY B 208 13.15 15.13 1.47
CA GLY B 208 12.71 15.56 0.14
C GLY B 208 11.20 15.37 -0.01
N ALA B 209 10.45 15.73 1.03
CA ALA B 209 9.01 15.52 1.09
C ALA B 209 8.24 16.30 0.04
N GLU B 210 7.19 15.68 -0.48
CA GLU B 210 6.27 16.32 -1.40
C GLU B 210 5.50 17.44 -0.68
N LYS B 211 5.05 17.17 0.54
CA LYS B 211 4.22 18.11 1.28
C LYS B 211 4.60 18.22 2.76
N LEU B 212 4.40 19.42 3.29
CA LEU B 212 4.41 19.65 4.73
C LEU B 212 3.03 20.18 5.10
N ILE B 213 2.36 19.50 6.03
CA ILE B 213 1.03 19.89 6.47
C ILE B 213 0.99 20.05 7.99
N LEU B 214 0.65 21.26 8.43
CA LEU B 214 0.64 21.60 9.85
C LEU B 214 -0.78 21.77 10.38
N LEU B 215 -1.17 20.90 11.31
CA LEU B 215 -2.50 20.98 11.93
C LEU B 215 -2.42 21.84 13.18
N THR B 216 -3.32 22.82 13.28
CA THR B 216 -3.31 23.78 14.38
C THR B 216 -4.75 24.05 14.89
N ASP B 217 -4.98 25.16 15.59
CA ASP B 217 -6.29 25.43 16.20
C ASP B 217 -7.07 26.58 15.56
N VAL B 218 -6.71 26.90 14.32
CA VAL B 218 -7.38 27.93 13.54
C VAL B 218 -7.57 27.43 12.11
N ALA B 219 -8.43 28.09 11.34
CA ALA B 219 -8.79 27.65 9.99
C ALA B 219 -7.57 27.61 9.05
N GLY B 220 -6.60 28.46 9.33
CA GLY B 220 -5.38 28.57 8.53
C GLY B 220 -4.74 29.91 8.88
N ILE B 221 -4.00 30.49 7.95
CA ILE B 221 -3.50 31.83 8.15
C ILE B 221 -4.66 32.80 7.94
N LEU B 222 -4.94 33.60 8.96
CA LEU B 222 -5.99 34.61 8.88
C LEU B 222 -5.39 35.98 8.57
N GLU B 223 -6.03 36.71 7.66
CA GLU B 223 -5.67 38.11 7.37
C GLU B 223 -5.76 38.93 8.65
N ASN B 224 -6.78 38.62 9.44
CA ASN B 224 -7.02 39.27 10.72
C ASN B 224 -7.19 38.22 11.82
N LYS B 225 -6.32 38.27 12.84
CA LYS B 225 -6.37 37.31 13.98
C LYS B 225 -7.75 37.17 14.61
N GLU B 226 -8.45 38.30 14.74
CA GLU B 226 -9.76 38.36 15.40
C GLU B 226 -10.89 37.73 14.57
N ASP B 227 -10.76 37.79 13.25
CA ASP B 227 -11.83 37.39 12.35
C ASP B 227 -11.55 36.03 11.71
N PRO B 228 -12.23 34.97 12.18
CA PRO B 228 -12.02 33.60 11.68
C PRO B 228 -12.51 33.37 10.24
N SER B 229 -13.08 34.41 9.62
CA SER B 229 -13.55 34.31 8.25
C SER B 229 -12.61 35.00 7.27
N SER B 230 -11.48 35.50 7.78
CA SER B 230 -10.46 36.14 6.95
C SER B 230 -9.38 35.14 6.51
N LEU B 231 -9.78 33.87 6.41
CA LEU B 231 -8.94 32.79 5.91
C LEU B 231 -8.35 33.13 4.54
N ILE B 232 -7.02 33.10 4.45
CA ILE B 232 -6.35 33.18 3.15
C ILE B 232 -6.23 31.75 2.61
N LYS B 233 -6.89 31.48 1.50
CA LYS B 233 -6.94 30.12 0.95
C LYS B 233 -5.62 29.69 0.30
N GLU B 234 -4.96 30.61 -0.40
CA GLU B 234 -3.59 30.39 -0.85
C GLU B 234 -2.76 31.65 -1.00
N ILE B 235 -1.44 31.50 -0.87
CA ILE B 235 -0.51 32.61 -0.78
C ILE B 235 0.89 32.10 -1.14
N ASP B 236 1.77 32.99 -1.57
CA ASP B 236 3.15 32.63 -1.93
C ASP B 236 4.16 33.08 -0.87
N ILE B 237 5.43 32.80 -1.10
CA ILE B 237 6.50 33.16 -0.17
C ILE B 237 6.59 34.69 0.05
N LYS B 238 6.53 35.45 -1.05
CA LYS B 238 6.49 36.92 -0.99
C LYS B 238 5.37 37.41 -0.08
N GLY B 239 4.19 36.81 -0.23
CA GLY B 239 3.00 37.20 0.52
C GLY B 239 3.06 36.98 2.02
N VAL B 240 3.63 35.85 2.44
CA VAL B 240 3.73 35.51 3.87
C VAL B 240 4.84 36.28 4.58
N LYS B 241 5.94 36.52 3.88
CA LYS B 241 7.02 37.37 4.38
C LYS B 241 6.49 38.78 4.70
N LYS B 242 5.63 39.29 3.82
CA LYS B 242 4.97 40.60 4.02
C LYS B 242 4.04 40.63 5.24
N MET B 243 3.32 39.54 5.48
CA MET B 243 2.43 39.43 6.62
C MET B 243 3.17 39.44 7.96
N ILE B 244 4.38 38.89 7.97
CA ILE B 244 5.23 38.91 9.17
C ILE B 244 5.72 40.35 9.43
N GLU B 245 6.20 41.00 8.38
CA GLU B 245 6.69 42.38 8.49
C GLU B 245 5.60 43.38 8.86
N ASP B 246 4.39 43.19 8.31
CA ASP B 246 3.23 44.01 8.66
C ASP B 246 2.61 43.68 10.04
N GLY B 247 3.04 42.56 10.64
CA GLY B 247 2.57 42.17 11.98
C GLY B 247 1.26 41.38 12.02
N LYS B 248 0.77 40.97 10.85
CA LYS B 248 -0.48 40.22 10.72
C LYS B 248 -0.32 38.80 11.27
N VAL B 249 0.90 38.29 11.17
CA VAL B 249 1.26 36.99 11.72
C VAL B 249 2.02 37.26 13.02
N ALA B 250 1.52 36.68 14.11
CA ALA B 250 2.09 36.88 15.45
C ALA B 250 2.09 35.58 16.25
N GLY B 251 2.70 35.63 17.44
CA GLY B 251 2.72 34.47 18.34
C GLY B 251 3.20 33.20 17.66
N GLY B 252 2.55 32.09 17.96
CA GLY B 252 2.93 30.78 17.44
C GLY B 252 2.82 30.60 15.94
N MET B 253 2.12 31.53 15.27
CA MET B 253 1.96 31.50 13.82
C MET B 253 3.24 31.96 13.09
N ILE B 254 4.12 32.66 13.79
CA ILE B 254 5.42 33.08 13.22
C ILE B 254 6.32 31.87 12.88
N PRO B 255 6.62 30.99 13.87
CA PRO B 255 7.43 29.80 13.58
C PRO B 255 6.74 28.86 12.60
N LYS B 256 5.42 28.74 12.73
CA LYS B 256 4.58 28.00 11.79
C LYS B 256 4.80 28.47 10.34
N VAL B 257 4.69 29.77 10.11
CA VAL B 257 4.87 30.34 8.78
C VAL B 257 6.32 30.24 8.31
N LYS B 258 7.25 30.44 9.25
CA LYS B 258 8.68 30.40 8.95
C LYS B 258 9.17 29.00 8.54
N CYS B 259 8.58 27.96 9.13
CA CYS B 259 8.98 26.61 8.76
C CYS B 259 8.51 26.23 7.35
N CYS B 260 7.44 26.87 6.88
CA CYS B 260 6.97 26.70 5.49
C CYS B 260 7.92 27.35 4.48
N ILE B 261 8.37 28.56 4.81
CA ILE B 261 9.30 29.30 3.96
C ILE B 261 10.60 28.51 3.80
N ARG B 262 11.14 28.06 4.94
CA ARG B 262 12.41 27.34 4.98
C ARG B 262 12.38 26.00 4.26
N SER B 263 11.30 25.25 4.44
CA SER B 263 11.17 23.94 3.79
C SER B 263 10.88 24.06 2.28
N LEU B 264 10.00 24.99 1.91
CA LEU B 264 9.75 25.29 0.49
C LEU B 264 11.02 25.70 -0.24
N ALA B 265 11.86 26.50 0.42
CA ALA B 265 13.11 26.94 -0.17
C ALA B 265 14.08 25.77 -0.39
N GLN B 266 13.91 24.71 0.39
CA GLN B 266 14.78 23.53 0.31
C GLN B 266 14.21 22.40 -0.56
N GLY B 267 13.13 22.70 -1.30
CA GLY B 267 12.60 21.78 -2.29
C GLY B 267 11.30 21.06 -1.97
N VAL B 268 10.73 21.30 -0.79
CA VAL B 268 9.40 20.76 -0.47
C VAL B 268 8.40 21.49 -1.37
N LYS B 269 7.49 20.73 -1.99
CA LYS B 269 6.67 21.28 -3.07
C LYS B 269 5.50 22.17 -2.62
N THR B 270 4.75 21.72 -1.61
CA THR B 270 3.69 22.55 -1.03
C THR B 270 3.70 22.46 0.50
N ALA B 271 3.24 23.53 1.15
CA ALA B 271 3.06 23.56 2.60
C ALA B 271 1.67 24.09 2.93
N SER B 272 0.96 23.40 3.82
CA SER B 272 -0.38 23.82 4.21
C SER B 272 -0.54 23.95 5.73
N ILE B 273 -1.36 24.92 6.12
CA ILE B 273 -1.72 25.15 7.50
C ILE B 273 -3.24 25.02 7.59
N ILE B 274 -3.69 24.12 8.46
CA ILE B 274 -5.10 23.72 8.51
C ILE B 274 -5.60 23.50 9.95
N ASP B 275 -6.91 23.40 10.10
CA ASP B 275 -7.53 23.27 11.41
C ASP B 275 -7.63 21.81 11.83
N GLY B 276 -6.78 21.44 12.79
CA GLY B 276 -6.78 20.09 13.36
C GLY B 276 -8.03 19.72 14.14
N ARG B 277 -8.85 20.72 14.49
CA ARG B 277 -10.10 20.47 15.23
C ARG B 277 -11.30 20.19 14.30
N ARG B 278 -11.17 20.47 13.01
CA ARG B 278 -12.19 20.07 12.06
C ARG B 278 -12.01 18.58 11.76
N GLN B 279 -13.10 17.84 11.83
CA GLN B 279 -13.08 16.40 11.54
C GLN B 279 -12.51 16.08 10.15
N HIS B 280 -11.51 15.21 10.12
CA HIS B 280 -10.91 14.69 8.89
C HIS B 280 -10.30 15.75 7.97
N SER B 281 -9.86 16.85 8.56
CA SER B 281 -9.31 17.98 7.82
C SER B 281 -8.07 17.63 7.02
N LEU B 282 -7.22 16.77 7.58
CA LEU B 282 -6.05 16.26 6.86
C LEU B 282 -6.44 15.59 5.54
N LEU B 283 -7.53 14.83 5.56
CA LEU B 283 -8.05 14.18 4.36
C LEU B 283 -8.63 15.19 3.38
N HIS B 284 -9.35 16.19 3.90
CA HIS B 284 -9.94 17.25 3.07
C HIS B 284 -8.86 18.05 2.35
N GLU B 285 -7.71 18.20 3.00
CA GLU B 285 -6.59 18.95 2.44
C GLU B 285 -5.92 18.20 1.27
N ILE B 286 -5.63 16.92 1.47
CA ILE B 286 -4.97 16.11 0.45
C ILE B 286 -5.94 15.58 -0.62
N MET B 287 -7.11 15.12 -0.19
CA MET B 287 -8.00 14.37 -1.08
C MET B 287 -9.12 15.22 -1.69
N SER B 288 -8.81 16.48 -2.01
CA SER B 288 -9.77 17.38 -2.70
C SER B 288 -9.07 18.63 -3.24
N ASP B 289 -9.67 19.24 -4.26
CA ASP B 289 -9.10 20.40 -4.95
C ASP B 289 -9.14 21.68 -4.12
N GLU B 290 -10.16 21.82 -3.27
CA GLU B 290 -10.31 22.98 -2.39
C GLU B 290 -9.29 23.03 -1.26
N GLY B 291 -8.99 21.88 -0.67
CA GLY B 291 -8.17 21.80 0.53
C GLY B 291 -8.96 22.23 1.76
N ALA B 292 -8.26 22.39 2.88
CA ALA B 292 -8.92 22.69 4.15
C ALA B 292 -8.19 23.75 4.97
N GLY B 293 -7.73 24.79 4.31
CA GLY B 293 -7.00 25.86 4.99
C GLY B 293 -6.14 26.66 4.04
N THR B 294 -4.94 27.02 4.50
CA THR B 294 -4.01 27.81 3.71
C THR B 294 -2.95 26.92 3.08
N MET B 295 -2.79 27.03 1.76
CA MET B 295 -1.64 26.45 1.08
C MET B 295 -0.63 27.54 0.70
N ILE B 296 0.62 27.35 1.11
CA ILE B 296 1.72 28.21 0.70
C ILE B 296 2.51 27.51 -0.40
N THR B 297 2.81 28.25 -1.47
CA THR B 297 3.65 27.77 -2.56
C THR B 297 4.84 28.69 -2.81
N GLY B 298 5.84 28.20 -3.56
CA GLY B 298 7.03 28.99 -3.88
C GLY B 298 6.75 30.09 -4.89
N ASP C 6 28.15 47.30 -22.09
CA ASP C 6 28.70 46.17 -22.87
C ASP C 6 29.69 45.35 -22.05
N TYR C 7 29.77 44.06 -22.37
CA TYR C 7 30.62 43.11 -21.65
C TYR C 7 32.09 43.25 -22.01
N ILE C 8 32.96 43.16 -20.99
CA ILE C 8 34.35 43.64 -21.10
C ILE C 8 35.27 42.98 -22.14
N PRO C 9 35.35 41.62 -22.18
CA PRO C 9 35.82 41.02 -23.42
C PRO C 9 34.66 40.87 -24.40
N ASP C 10 34.73 41.61 -25.50
CA ASP C 10 33.67 41.62 -26.51
C ASP C 10 33.65 40.31 -27.30
N SER C 11 32.44 39.83 -27.59
CA SER C 11 32.27 38.55 -28.26
C SER C 11 30.91 38.46 -28.92
N LYS C 12 30.81 37.64 -29.96
CA LYS C 12 29.55 37.38 -30.64
C LYS C 12 28.65 36.55 -29.72
N PHE C 13 29.24 35.56 -29.05
CA PHE C 13 28.51 34.64 -28.20
C PHE C 13 28.99 34.70 -26.75
N TYR C 14 28.11 34.34 -25.82
CA TYR C 14 28.47 34.21 -24.41
C TYR C 14 27.82 32.99 -23.81
N LYS C 15 28.55 32.35 -22.89
CA LYS C 15 27.99 31.30 -22.07
C LYS C 15 27.48 31.92 -20.78
N VAL C 16 26.22 31.63 -20.44
CA VAL C 16 25.70 31.98 -19.13
C VAL C 16 25.78 30.74 -18.26
N GLU C 17 26.55 30.84 -17.19
CA GLU C 17 26.84 29.71 -16.31
C GLU C 17 26.21 29.99 -14.94
N ALA C 18 25.19 29.22 -14.59
CA ALA C 18 24.46 29.43 -13.33
C ALA C 18 24.52 28.22 -12.42
N ILE C 19 25.04 28.43 -11.20
CA ILE C 19 25.08 27.40 -10.17
C ILE C 19 23.89 27.66 -9.24
N VAL C 20 22.92 26.75 -9.24
CA VAL C 20 21.66 26.96 -8.52
C VAL C 20 21.24 25.72 -7.72
N ARG C 21 20.13 25.83 -6.98
CA ARG C 21 19.58 24.71 -6.23
C ARG C 21 19.09 23.63 -7.20
N PRO C 22 19.30 22.35 -6.84
CA PRO C 22 18.89 21.26 -7.73
C PRO C 22 17.40 21.22 -8.10
N TRP C 23 16.53 21.68 -7.22
CA TRP C 23 15.10 21.46 -7.38
C TRP C 23 14.38 22.52 -8.22
N ARG C 24 15.10 23.54 -8.65
CA ARG C 24 14.53 24.61 -9.46
C ARG C 24 14.81 24.46 -10.97
N ILE C 25 15.50 23.37 -11.32
CA ILE C 25 15.99 23.13 -12.68
C ILE C 25 14.89 22.99 -13.73
N GLN C 26 13.88 22.17 -13.44
CA GLN C 26 12.74 21.97 -14.33
C GLN C 26 12.08 23.31 -14.65
N GLN C 27 11.82 24.07 -13.58
CA GLN C 27 11.07 25.32 -13.63
C GLN C 27 11.82 26.39 -14.43
N VAL C 28 13.13 26.49 -14.20
CA VAL C 28 13.98 27.43 -14.92
C VAL C 28 14.06 27.09 -16.42
N SER C 29 14.29 25.80 -16.71
CA SER C 29 14.39 25.31 -18.08
C SER C 29 13.12 25.56 -18.88
N SER C 30 11.98 25.28 -18.24
CA SER C 30 10.67 25.53 -18.82
C SER C 30 10.47 27.00 -19.15
N ALA C 31 10.83 27.88 -18.21
CA ALA C 31 10.69 29.32 -18.39
C ALA C 31 11.64 29.84 -19.47
N LEU C 32 12.83 29.24 -19.52
CA LEU C 32 13.83 29.49 -20.56
C LEU C 32 13.28 29.09 -21.94
N LEU C 33 12.59 27.95 -22.00
CA LEU C 33 12.05 27.45 -23.26
C LEU C 33 10.96 28.37 -23.82
N LYS C 34 10.15 28.97 -22.94
CA LYS C 34 9.08 29.89 -23.34
C LYS C 34 9.57 31.17 -24.03
N ILE C 35 10.75 31.66 -23.64
CA ILE C 35 11.32 32.85 -24.29
C ILE C 35 12.30 32.51 -25.43
N GLY C 36 12.23 31.26 -25.90
CA GLY C 36 12.99 30.83 -27.08
C GLY C 36 14.41 30.32 -26.87
N ILE C 37 14.77 30.00 -25.63
CA ILE C 37 16.09 29.42 -25.32
C ILE C 37 15.96 27.90 -25.38
N ARG C 38 16.57 27.28 -26.39
CA ARG C 38 16.28 25.89 -26.72
C ARG C 38 17.48 24.92 -26.59
N GLY C 39 18.61 25.46 -26.15
CA GLY C 39 19.80 24.65 -25.90
C GLY C 39 20.30 24.89 -24.49
N VAL C 40 20.24 23.83 -23.65
CA VAL C 40 20.56 23.95 -22.22
C VAL C 40 21.33 22.72 -21.76
N THR C 41 22.40 22.95 -21.01
CA THR C 41 23.20 21.86 -20.45
C THR C 41 23.21 21.98 -18.92
N VAL C 42 22.96 20.89 -18.23
CA VAL C 42 23.04 20.86 -16.77
C VAL C 42 23.94 19.73 -16.28
N SER C 43 24.52 19.94 -15.10
CA SER C 43 25.35 18.92 -14.46
C SER C 43 25.31 19.05 -12.93
N ASP C 44 25.50 17.93 -12.25
CA ASP C 44 25.57 17.91 -10.79
C ASP C 44 26.94 18.35 -10.33
N VAL C 45 26.95 19.29 -9.39
CA VAL C 45 28.18 19.85 -8.83
C VAL C 45 28.00 19.95 -7.32
N ARG C 46 29.08 20.28 -6.62
CA ARG C 46 29.01 20.65 -5.21
C ARG C 46 29.72 21.98 -5.05
N GLY C 47 29.27 22.79 -4.09
CA GLY C 47 29.94 24.07 -3.85
C GLY C 47 29.71 24.66 -2.47
N PHE C 48 30.51 25.68 -2.15
CA PHE C 48 30.19 26.58 -1.07
C PHE C 48 30.30 28.04 -1.51
N GLY C 49 29.38 28.86 -1.01
CA GLY C 49 29.42 30.30 -1.16
C GLY C 49 29.23 30.88 0.22
N ALA C 50 30.33 31.05 0.93
CA ALA C 50 30.29 31.35 2.35
C ALA C 50 30.59 32.83 2.59
N GLN C 51 29.54 33.64 2.66
CA GLN C 51 29.70 35.03 3.07
C GLN C 51 29.87 35.09 4.57
N GLY C 52 30.83 35.90 5.03
CA GLY C 52 31.08 36.14 6.46
C GLY C 52 30.43 35.19 7.44
N GLY C 53 29.47 35.70 8.21
CA GLY C 53 28.83 34.91 9.25
C GLY C 53 27.52 34.30 8.80
N SER C 54 27.52 33.69 7.62
CA SER C 54 26.29 33.19 7.00
C SER C 54 26.19 31.68 7.08
N THR C 55 24.95 31.22 7.22
CA THR C 55 24.64 29.80 7.32
C THR C 55 23.55 29.47 6.31
N GLU C 56 23.79 28.40 5.56
CA GLU C 56 22.93 27.95 4.48
C GLU C 56 22.22 26.65 4.89
N ARG C 57 20.98 26.48 4.43
CA ARG C 57 20.20 25.29 4.76
C ARG C 57 20.02 24.36 3.56
N HIS C 58 20.40 23.11 3.73
CA HIS C 58 20.19 22.09 2.70
C HIS C 58 19.89 20.75 3.36
N GLY C 59 18.84 20.07 2.88
CA GLY C 59 18.39 18.80 3.46
C GLY C 59 18.12 18.88 4.95
N GLY C 60 17.66 20.06 5.40
CA GLY C 60 17.39 20.30 6.81
C GLY C 60 18.60 20.65 7.67
N SER C 61 19.79 20.59 7.09
CA SER C 61 21.03 20.85 7.85
C SER C 61 21.69 22.18 7.50
N GLU C 62 22.56 22.64 8.41
CA GLU C 62 23.28 23.89 8.27
C GLU C 62 24.67 23.70 7.66
N PHE C 63 25.02 24.57 6.72
CA PHE C 63 26.30 24.51 6.04
C PHE C 63 26.95 25.88 6.10
N SER C 64 28.14 25.95 6.68
CA SER C 64 28.89 27.20 6.69
C SER C 64 30.37 26.95 6.37
N GLU C 65 31.08 28.03 6.05
CA GLU C 65 32.49 27.97 5.67
C GLU C 65 32.74 27.04 4.48
N ASP C 66 33.68 26.11 4.59
CA ASP C 66 34.05 25.25 3.45
C ASP C 66 33.35 23.87 3.44
N LYS C 67 32.12 23.82 3.95
CA LYS C 67 31.30 22.62 3.86
C LYS C 67 30.48 22.62 2.56
N PHE C 68 30.69 21.59 1.74
CA PHE C 68 30.10 21.51 0.40
C PHE C 68 28.61 21.17 0.39
N VAL C 69 27.89 21.80 -0.54
CA VAL C 69 26.43 21.64 -0.67
C VAL C 69 26.12 21.28 -2.12
N ALA C 70 25.22 20.32 -2.32
CA ALA C 70 24.79 19.93 -3.68
C ALA C 70 24.17 21.10 -4.45
N LYS C 71 24.60 21.26 -5.70
CA LYS C 71 24.02 22.25 -6.60
C LYS C 71 23.95 21.66 -8.00
N VAL C 72 23.27 22.35 -8.90
CA VAL C 72 23.31 21.99 -10.32
C VAL C 72 23.86 23.18 -11.09
N LYS C 73 24.74 22.91 -12.04
CA LYS C 73 25.27 23.95 -12.91
C LYS C 73 24.56 23.92 -14.26
N MET C 74 23.93 25.04 -14.61
CA MET C 74 23.34 25.20 -15.95
C MET C 74 24.29 26.01 -16.82
N GLU C 75 24.43 25.57 -18.07
CA GLU C 75 25.23 26.29 -19.05
C GLU C 75 24.37 26.58 -20.26
N ILE C 76 24.25 27.87 -20.61
CA ILE C 76 23.44 28.30 -21.74
C ILE C 76 24.26 29.24 -22.62
N VAL C 77 24.55 28.80 -23.84
CA VAL C 77 25.29 29.63 -24.78
C VAL C 77 24.36 30.32 -25.76
N VAL C 78 24.43 31.66 -25.79
CA VAL C 78 23.54 32.48 -26.61
C VAL C 78 24.28 33.67 -27.25
N LYS C 79 23.63 34.29 -28.23
CA LYS C 79 24.15 35.52 -28.83
C LYS C 79 24.17 36.64 -27.80
N LYS C 80 25.06 37.62 -28.01
CA LYS C 80 25.22 38.77 -27.11
C LYS C 80 23.91 39.39 -26.60
N ASP C 81 22.98 39.70 -27.51
CA ASP C 81 21.74 40.39 -27.13
C ASP C 81 20.71 39.55 -26.37
N GLN C 82 20.93 38.24 -26.28
CA GLN C 82 20.02 37.35 -25.55
C GLN C 82 20.41 37.15 -24.09
N VAL C 83 21.59 37.65 -23.72
CA VAL C 83 22.18 37.36 -22.40
C VAL C 83 21.34 37.87 -21.22
N GLU C 84 20.91 39.12 -21.30
CA GLU C 84 20.05 39.72 -20.26
C GLU C 84 18.79 38.92 -19.99
N SER C 85 18.15 38.45 -21.06
CA SER C 85 16.94 37.63 -20.96
C SER C 85 17.21 36.36 -20.18
N VAL C 86 18.32 35.71 -20.50
CA VAL C 86 18.71 34.46 -19.86
C VAL C 86 18.94 34.66 -18.36
N ILE C 87 19.76 35.65 -18.01
CA ILE C 87 20.04 36.00 -16.61
C ILE C 87 18.75 36.24 -15.84
N ASN C 88 17.89 37.11 -16.36
CA ASN C 88 16.65 37.48 -15.68
C ASN C 88 15.65 36.32 -15.51
N THR C 89 15.60 35.44 -16.51
CA THR C 89 14.77 34.25 -16.43
C THR C 89 15.30 33.26 -15.37
N ILE C 90 16.61 33.12 -15.27
CA ILE C 90 17.20 32.26 -14.24
C ILE C 90 16.90 32.82 -12.84
N ILE C 91 17.14 34.12 -12.66
CA ILE C 91 16.86 34.77 -11.39
C ILE C 91 15.40 34.60 -10.99
N GLU C 92 14.48 34.96 -11.88
CA GLU C 92 13.04 34.86 -11.61
C GLU C 92 12.63 33.45 -11.18
N GLY C 93 13.17 32.44 -11.88
CA GLY C 93 12.81 31.05 -11.63
C GLY C 93 13.57 30.31 -10.54
N ALA C 94 14.73 30.83 -10.12
CA ALA C 94 15.59 30.11 -9.18
C ALA C 94 15.63 30.73 -7.78
N ARG C 95 15.22 31.99 -7.67
CA ARG C 95 15.33 32.73 -6.41
C ARG C 95 14.25 32.33 -5.40
N THR C 96 14.68 32.05 -4.17
CA THR C 96 13.77 31.82 -3.05
C THR C 96 13.80 32.99 -2.07
N GLY C 97 14.92 33.72 -2.06
CA GLY C 97 15.15 34.75 -1.06
C GLY C 97 16.06 34.31 0.09
N GLU C 98 16.39 33.01 0.14
CA GLU C 98 17.26 32.48 1.20
C GLU C 98 18.73 32.39 0.75
N ILE C 99 19.63 32.46 1.74
CA ILE C 99 21.06 32.25 1.55
C ILE C 99 21.30 31.00 0.69
N GLY C 100 22.21 31.12 -0.29
CA GLY C 100 22.53 29.96 -1.13
C GLY C 100 21.72 29.81 -2.41
N ASP C 101 21.04 30.88 -2.82
CA ASP C 101 20.20 30.90 -4.01
C ASP C 101 20.97 30.65 -5.31
N GLY C 102 22.24 31.03 -5.35
CA GLY C 102 23.05 30.76 -6.51
C GLY C 102 23.93 31.88 -7.02
N LYS C 103 24.83 31.54 -7.92
CA LYS C 103 25.66 32.52 -8.58
C LYS C 103 25.73 32.28 -10.06
N ILE C 104 25.76 33.37 -10.83
CA ILE C 104 25.79 33.32 -12.30
C ILE C 104 27.07 33.99 -12.83
N PHE C 105 27.74 33.32 -13.76
CA PHE C 105 28.90 33.88 -14.45
C PHE C 105 28.64 33.95 -15.94
N VAL C 106 29.17 34.99 -16.58
CA VAL C 106 29.06 35.16 -18.01
C VAL C 106 30.47 35.08 -18.61
N LEU C 107 30.65 34.18 -19.58
CA LEU C 107 31.96 33.98 -20.23
C LEU C 107 31.85 34.13 -21.75
N PRO C 108 32.87 34.76 -22.38
CA PRO C 108 32.86 34.92 -23.84
C PRO C 108 33.04 33.59 -24.57
N VAL C 109 32.23 33.38 -25.62
CA VAL C 109 32.35 32.22 -26.50
C VAL C 109 32.71 32.70 -27.91
N SER C 110 33.77 32.12 -28.49
CA SER C 110 34.28 32.56 -29.79
C SER C 110 33.58 31.95 -30.98
N ASP C 111 33.11 30.71 -30.84
CA ASP C 111 32.43 30.02 -31.92
C ASP C 111 31.48 28.95 -31.41
N VAL C 112 30.47 28.65 -32.22
CA VAL C 112 29.53 27.58 -31.96
C VAL C 112 29.49 26.68 -33.19
N ILE C 113 29.54 25.38 -33.00
CA ILE C 113 29.54 24.41 -34.11
C ILE C 113 28.55 23.28 -33.84
N ARG C 114 27.66 23.03 -34.80
CA ARG C 114 26.70 21.95 -34.71
C ARG C 114 27.28 20.69 -35.35
N VAL C 115 27.28 19.59 -34.59
CA VAL C 115 27.97 18.36 -34.98
C VAL C 115 27.36 17.65 -36.20
N ARG C 116 26.03 17.56 -36.23
CA ARG C 116 25.32 16.86 -37.31
C ARG C 116 25.52 17.49 -38.70
N THR C 117 25.55 18.82 -38.74
CA THR C 117 25.52 19.55 -40.01
C THR C 117 26.85 20.21 -40.33
N GLY C 118 27.65 20.47 -39.30
CA GLY C 118 28.89 21.23 -39.47
C GLY C 118 28.67 22.73 -39.60
N GLU C 119 27.45 23.18 -39.33
CA GLU C 119 27.12 24.61 -39.32
C GLU C 119 27.92 25.31 -38.22
N ARG C 120 28.33 26.54 -38.50
CA ARG C 120 29.09 27.34 -37.53
C ARG C 120 28.48 28.71 -37.37
N GLY C 121 28.96 29.45 -36.35
CA GLY C 121 28.51 30.81 -36.11
C GLY C 121 27.02 30.90 -35.82
N GLU C 122 26.39 31.95 -36.33
CA GLU C 122 24.97 32.24 -36.08
C GLU C 122 24.04 31.08 -36.44
N LYS C 123 24.40 30.34 -37.50
CA LYS C 123 23.62 29.20 -37.98
C LYS C 123 23.61 28.03 -36.99
N ALA C 124 24.71 27.84 -36.28
CA ALA C 124 24.82 26.80 -35.27
C ALA C 124 24.09 27.18 -33.97
N GLU C 125 24.08 28.48 -33.66
CA GLU C 125 23.41 29.00 -32.47
C GLU C 125 21.89 29.07 -32.67
N LYS C 126 21.47 29.33 -33.91
CA LYS C 126 20.06 29.41 -34.27
C LYS C 126 19.37 28.05 -34.08
N MET C 127 18.22 28.09 -33.41
CA MET C 127 17.34 26.94 -33.24
C MET C 127 15.98 27.36 -33.78
N THR C 128 15.33 26.51 -34.57
CA THR C 128 14.04 26.86 -35.17
C THR C 128 13.03 27.32 -34.11
N GLY C 129 12.49 28.54 -34.31
CA GLY C 129 11.52 29.13 -33.39
C GLY C 129 12.13 29.62 -32.08
N ASP C 130 13.02 30.61 -32.17
CA ASP C 130 13.70 31.17 -31.00
C ASP C 130 13.79 32.70 -31.05
N ASP D 6 -12.82 -53.90 21.81
CA ASP D 6 -11.61 -53.24 22.35
C ASP D 6 -10.48 -53.19 21.34
N TYR D 7 -9.59 -52.21 21.50
CA TYR D 7 -8.38 -52.12 20.68
C TYR D 7 -7.47 -53.29 21.04
N ILE D 8 -7.08 -54.06 20.02
CA ILE D 8 -6.54 -55.41 20.23
C ILE D 8 -5.27 -55.50 21.10
N PRO D 9 -4.22 -54.70 20.79
CA PRO D 9 -3.21 -54.60 21.84
C PRO D 9 -3.78 -53.70 22.95
N ASP D 10 -4.14 -54.32 24.07
CA ASP D 10 -4.81 -53.63 25.17
C ASP D 10 -3.81 -52.79 25.94
N SER D 11 -4.25 -51.59 26.35
CA SER D 11 -3.36 -50.64 27.01
C SER D 11 -4.16 -49.57 27.76
N LYS D 12 -3.53 -48.98 28.77
CA LYS D 12 -4.15 -47.91 29.55
C LYS D 12 -4.25 -46.60 28.75
N PHE D 13 -3.29 -46.39 27.84
CA PHE D 13 -3.24 -45.19 26.99
C PHE D 13 -3.05 -45.56 25.53
N TYR D 14 -3.49 -44.67 24.65
CA TYR D 14 -3.21 -44.79 23.22
C TYR D 14 -2.77 -43.45 22.66
N LYS D 15 -1.90 -43.49 21.65
CA LYS D 15 -1.56 -42.31 20.88
C LYS D 15 -2.39 -42.30 19.58
N VAL D 16 -3.14 -41.21 19.39
CA VAL D 16 -3.85 -40.97 18.15
C VAL D 16 -2.95 -40.15 17.23
N GLU D 17 -2.56 -40.75 16.11
CA GLU D 17 -1.64 -40.13 15.17
C GLU D 17 -2.37 -39.83 13.86
N ALA D 18 -2.56 -38.54 13.58
CA ALA D 18 -3.35 -38.12 12.42
C ALA D 18 -2.49 -37.32 11.45
N ILE D 19 -2.40 -37.80 10.21
CA ILE D 19 -1.70 -37.07 9.16
C ILE D 19 -2.78 -36.40 8.33
N VAL D 20 -2.82 -35.06 8.35
CA VAL D 20 -3.89 -34.30 7.69
C VAL D 20 -3.36 -33.11 6.90
N ARG D 21 -4.27 -32.36 6.27
CA ARG D 21 -3.92 -31.14 5.54
C ARG D 21 -3.43 -30.09 6.53
N PRO D 22 -2.37 -29.35 6.17
CA PRO D 22 -1.79 -28.33 7.05
C PRO D 22 -2.72 -27.18 7.44
N TRP D 23 -3.64 -26.80 6.55
CA TRP D 23 -4.46 -25.60 6.79
C TRP D 23 -5.65 -25.89 7.71
N ARG D 24 -5.77 -27.14 8.15
CA ARG D 24 -6.86 -27.55 9.00
C ARG D 24 -6.48 -27.67 10.49
N ILE D 25 -5.19 -27.53 10.78
CA ILE D 25 -4.65 -27.73 12.12
C ILE D 25 -5.26 -26.83 13.19
N GLN D 26 -5.44 -25.55 12.87
CA GLN D 26 -6.00 -24.58 13.81
C GLN D 26 -7.43 -24.99 14.22
N GLN D 27 -8.24 -25.39 13.24
CA GLN D 27 -9.64 -25.79 13.47
C GLN D 27 -9.77 -27.07 14.29
N VAL D 28 -8.95 -28.07 13.97
CA VAL D 28 -8.96 -29.34 14.70
C VAL D 28 -8.49 -29.11 16.14
N SER D 29 -7.42 -28.32 16.30
CA SER D 29 -6.89 -28.00 17.62
C SER D 29 -7.91 -27.28 18.49
N SER D 30 -8.65 -26.36 17.87
CA SER D 30 -9.66 -25.58 18.56
C SER D 30 -10.80 -26.49 19.04
N ALA D 31 -11.23 -27.39 18.16
CA ALA D 31 -12.32 -28.31 18.44
C ALA D 31 -11.94 -29.35 19.50
N LEU D 32 -10.69 -29.79 19.48
CA LEU D 32 -10.17 -30.72 20.48
C LEU D 32 -10.13 -30.08 21.87
N LEU D 33 -9.76 -28.80 21.89
CA LEU D 33 -9.70 -28.02 23.11
C LEU D 33 -11.09 -27.95 23.75
N LYS D 34 -12.12 -27.86 22.91
CA LYS D 34 -13.51 -27.75 23.36
C LYS D 34 -14.04 -28.97 24.11
N ILE D 35 -13.59 -30.16 23.70
CA ILE D 35 -14.00 -31.41 24.37
C ILE D 35 -13.02 -31.87 25.45
N GLY D 36 -12.07 -30.99 25.82
CA GLY D 36 -11.17 -31.26 26.94
C GLY D 36 -9.86 -31.93 26.58
N ILE D 37 -9.51 -31.93 25.30
CA ILE D 37 -8.21 -32.45 24.86
C ILE D 37 -7.21 -31.30 24.89
N ARG D 38 -6.29 -31.34 25.85
CA ARG D 38 -5.45 -30.17 26.15
C ARG D 38 -3.95 -30.40 25.92
N GLY D 39 -3.60 -31.62 25.48
CA GLY D 39 -2.23 -31.95 25.09
C GLY D 39 -2.16 -32.44 23.65
N VAL D 40 -1.48 -31.68 22.79
CA VAL D 40 -1.43 -31.94 21.35
C VAL D 40 -0.03 -31.62 20.82
N THR D 41 0.51 -32.50 19.97
CA THR D 41 1.79 -32.25 19.32
C THR D 41 1.61 -32.33 17.81
N VAL D 42 2.16 -31.35 17.09
CA VAL D 42 2.12 -31.34 15.63
C VAL D 42 3.52 -31.17 15.06
N SER D 43 3.72 -31.66 13.83
CA SER D 43 4.97 -31.49 13.09
C SER D 43 4.72 -31.53 11.59
N ASP D 44 5.58 -30.86 10.83
CA ASP D 44 5.49 -30.85 9.38
C ASP D 44 6.05 -32.13 8.80
N VAL D 45 5.27 -32.76 7.92
CA VAL D 45 5.70 -33.97 7.24
C VAL D 45 5.39 -33.91 5.74
N ARG D 46 5.94 -34.87 5.00
CA ARG D 46 5.58 -35.11 3.61
C ARG D 46 5.05 -36.52 3.50
N GLY D 47 4.13 -36.74 2.55
CA GLY D 47 3.59 -38.07 2.36
C GLY D 47 2.92 -38.28 1.02
N PHE D 48 2.64 -39.54 0.72
CA PHE D 48 1.69 -39.89 -0.33
C PHE D 48 0.76 -41.02 0.11
N GLY D 49 -0.51 -40.87 -0.27
CA GLY D 49 -1.50 -41.93 -0.13
C GLY D 49 -2.16 -42.12 -1.48
N ALA D 50 -1.56 -42.98 -2.28
CA ALA D 50 -1.96 -43.19 -3.66
C ALA D 50 -2.82 -44.41 -3.86
N GLN D 51 -4.14 -44.24 -3.73
CA GLN D 51 -5.09 -45.30 -4.07
C GLN D 51 -5.21 -45.39 -5.59
N GLY D 52 -5.50 -46.60 -6.08
CA GLY D 52 -5.78 -46.84 -7.50
C GLY D 52 -5.12 -45.93 -8.50
N GLY D 53 -5.92 -45.30 -9.36
CA GLY D 53 -5.43 -44.32 -10.31
C GLY D 53 -5.53 -42.89 -9.78
N SER D 54 -6.08 -42.77 -8.57
CA SER D 54 -6.41 -41.47 -7.95
C SER D 54 -5.34 -40.39 -8.09
N THR D 55 -5.79 -39.16 -8.30
CA THR D 55 -4.92 -38.00 -8.36
C THR D 55 -5.34 -37.01 -7.26
N GLU D 56 -4.34 -36.51 -6.55
CA GLU D 56 -4.54 -35.59 -5.44
C GLU D 56 -4.14 -34.16 -5.86
N ARG D 57 -4.89 -33.18 -5.39
CA ARG D 57 -4.58 -31.77 -5.67
C ARG D 57 -3.93 -31.07 -4.48
N HIS D 58 -2.78 -30.44 -4.73
CA HIS D 58 -2.11 -29.61 -3.72
C HIS D 58 -1.42 -28.45 -4.42
N GLY D 59 -1.66 -27.23 -3.93
CA GLY D 59 -1.08 -26.02 -4.53
C GLY D 59 -1.49 -25.85 -5.99
N GLY D 60 -2.70 -26.29 -6.31
CA GLY D 60 -3.22 -26.21 -7.68
C GLY D 60 -2.63 -27.25 -8.62
N SER D 61 -1.76 -28.12 -8.09
CA SER D 61 -1.08 -29.12 -8.90
C SER D 61 -1.53 -30.55 -8.61
N GLU D 62 -1.22 -31.46 -9.52
CA GLU D 62 -1.64 -32.85 -9.41
C GLU D 62 -0.52 -33.75 -8.92
N PHE D 63 -0.87 -34.66 -8.01
CA PHE D 63 0.10 -35.58 -7.41
C PHE D 63 -0.41 -37.02 -7.53
N SER D 64 0.37 -37.83 -8.23
CA SER D 64 0.02 -39.25 -8.40
C SER D 64 1.11 -40.11 -7.79
N GLU D 65 0.70 -41.27 -7.30
CA GLU D 65 1.59 -42.28 -6.71
C GLU D 65 2.78 -41.75 -5.91
N ASP D 66 3.97 -41.92 -6.49
CA ASP D 66 5.27 -41.66 -5.87
C ASP D 66 5.53 -40.23 -5.37
N LYS D 67 4.77 -39.25 -5.85
CA LYS D 67 5.07 -37.83 -5.61
C LYS D 67 4.59 -37.30 -4.24
N PHE D 68 5.53 -36.77 -3.45
CA PHE D 68 5.25 -36.32 -2.07
C PHE D 68 4.46 -35.01 -1.96
N VAL D 69 3.57 -34.97 -0.97
CA VAL D 69 2.69 -33.83 -0.70
C VAL D 69 2.86 -33.41 0.75
N ALA D 70 2.93 -32.09 1.00
CA ALA D 70 3.00 -31.56 2.37
C ALA D 70 1.77 -31.91 3.21
N LYS D 71 2.02 -32.33 4.46
CA LYS D 71 0.97 -32.67 5.41
C LYS D 71 1.41 -32.21 6.78
N VAL D 72 0.50 -32.29 7.76
CA VAL D 72 0.89 -32.14 9.17
C VAL D 72 0.48 -33.38 9.99
N LYS D 73 1.40 -33.83 10.84
CA LYS D 73 1.15 -34.95 11.74
C LYS D 73 0.73 -34.45 13.12
N MET D 74 -0.45 -34.85 13.56
CA MET D 74 -0.95 -34.54 14.90
C MET D 74 -0.77 -35.77 15.78
N GLU D 75 -0.27 -35.55 16.99
CA GLU D 75 -0.13 -36.64 17.96
C GLU D 75 -0.82 -36.24 19.26
N ILE D 76 -1.80 -37.07 19.66
CA ILE D 76 -2.56 -36.86 20.88
C ILE D 76 -2.55 -38.15 21.70
N VAL D 77 -2.05 -38.04 22.93
CA VAL D 77 -2.00 -39.18 23.84
C VAL D 77 -3.10 -39.02 24.90
N VAL D 78 -3.94 -40.05 25.02
CA VAL D 78 -5.11 -40.03 25.92
C VAL D 78 -5.40 -41.40 26.54
N LYS D 79 -6.29 -41.40 27.54
CA LYS D 79 -6.83 -42.65 28.10
C LYS D 79 -7.64 -43.39 27.03
N LYS D 80 -7.71 -44.70 27.18
CA LYS D 80 -8.46 -45.59 26.28
C LYS D 80 -9.87 -45.08 25.95
N ASP D 81 -10.59 -44.62 26.98
CA ASP D 81 -12.00 -44.26 26.82
C ASP D 81 -12.27 -43.02 25.97
N GLN D 82 -11.32 -42.09 25.92
CA GLN D 82 -11.51 -40.87 25.14
C GLN D 82 -10.97 -40.92 23.70
N VAL D 83 -10.46 -42.09 23.31
CA VAL D 83 -9.89 -42.29 21.96
C VAL D 83 -10.90 -42.03 20.82
N GLU D 84 -12.13 -42.52 20.98
CA GLU D 84 -13.18 -42.35 19.98
C GLU D 84 -13.57 -40.90 19.74
N SER D 85 -13.60 -40.11 20.82
CA SER D 85 -13.95 -38.70 20.75
C SER D 85 -12.88 -37.90 20.01
N VAL D 86 -11.63 -38.32 20.17
CA VAL D 86 -10.51 -37.66 19.50
C VAL D 86 -10.59 -37.91 17.98
N ILE D 87 -10.72 -39.19 17.62
CA ILE D 87 -10.85 -39.61 16.22
C ILE D 87 -11.98 -38.84 15.53
N ASN D 88 -13.16 -38.89 16.12
CA ASN D 88 -14.34 -38.21 15.57
C ASN D 88 -14.15 -36.70 15.43
N THR D 89 -13.61 -36.06 16.47
CA THR D 89 -13.35 -34.63 16.44
C THR D 89 -12.36 -34.23 15.32
N ILE D 90 -11.30 -35.02 15.15
CA ILE D 90 -10.35 -34.83 14.05
C ILE D 90 -11.04 -34.95 12.69
N ILE D 91 -11.82 -36.01 12.51
CA ILE D 91 -12.54 -36.22 11.24
C ILE D 91 -13.45 -35.06 10.87
N GLU D 92 -14.28 -34.61 11.81
CA GLU D 92 -15.18 -33.48 11.56
C GLU D 92 -14.42 -32.20 11.21
N GLY D 93 -13.31 -31.95 11.90
CA GLY D 93 -12.52 -30.74 11.70
C GLY D 93 -11.66 -30.75 10.43
N ALA D 94 -11.24 -31.93 10.00
CA ALA D 94 -10.26 -32.06 8.91
C ALA D 94 -10.85 -32.42 7.55
N ARG D 95 -12.01 -33.07 7.53
CA ARG D 95 -12.61 -33.58 6.29
C ARG D 95 -13.07 -32.47 5.34
N THR D 96 -12.70 -32.62 4.06
CA THR D 96 -13.19 -31.76 2.98
C THR D 96 -14.07 -32.55 2.03
N GLY D 97 -13.84 -33.87 1.98
CA GLY D 97 -14.49 -34.74 1.01
C GLY D 97 -13.62 -35.02 -0.22
N GLU D 98 -12.45 -34.39 -0.29
CA GLU D 98 -11.54 -34.58 -1.41
C GLU D 98 -10.46 -35.62 -1.10
N ILE D 99 -9.99 -36.29 -2.14
CA ILE D 99 -8.85 -37.20 -2.09
C ILE D 99 -7.68 -36.54 -1.35
N GLY D 100 -7.12 -37.26 -0.37
CA GLY D 100 -5.97 -36.75 0.38
C GLY D 100 -6.30 -36.10 1.71
N ASP D 101 -7.49 -36.41 2.23
CA ASP D 101 -7.96 -35.84 3.50
C ASP D 101 -7.18 -36.32 4.73
N GLY D 102 -6.55 -37.49 4.64
CA GLY D 102 -5.74 -37.96 5.75
C GLY D 102 -5.96 -39.37 6.25
N LYS D 103 -4.97 -39.85 7.00
CA LYS D 103 -5.02 -41.13 7.67
C LYS D 103 -4.81 -40.94 9.16
N ILE D 104 -5.54 -41.71 9.95
CA ILE D 104 -5.34 -41.74 11.39
C ILE D 104 -4.85 -43.11 11.83
N PHE D 105 -3.86 -43.13 12.71
CA PHE D 105 -3.38 -44.36 13.33
C PHE D 105 -3.58 -44.31 14.84
N VAL D 106 -3.84 -45.48 15.43
CA VAL D 106 -3.96 -45.61 16.88
C VAL D 106 -2.89 -46.58 17.37
N LEU D 107 -2.04 -46.12 18.28
CA LEU D 107 -0.96 -46.95 18.82
C LEU D 107 -1.03 -47.04 20.34
N PRO D 108 -0.74 -48.22 20.91
CA PRO D 108 -0.71 -48.36 22.38
C PRO D 108 0.44 -47.59 23.02
N VAL D 109 0.15 -46.95 24.15
CA VAL D 109 1.15 -46.24 24.94
C VAL D 109 1.15 -46.84 26.35
N SER D 110 2.32 -47.28 26.80
CA SER D 110 2.44 -48.01 28.08
C SER D 110 2.53 -47.10 29.30
N ASP D 111 2.97 -45.85 29.11
CA ASP D 111 3.11 -44.93 30.24
C ASP D 111 3.21 -43.46 29.78
N VAL D 112 2.85 -42.56 30.70
CA VAL D 112 2.95 -41.12 30.48
C VAL D 112 3.65 -40.50 31.70
N ILE D 113 4.59 -39.58 31.45
CA ILE D 113 5.33 -38.93 32.53
C ILE D 113 5.45 -37.41 32.28
N ARG D 114 5.08 -36.63 33.29
CA ARG D 114 5.25 -35.18 33.27
C ARG D 114 6.64 -34.80 33.81
N VAL D 115 7.44 -34.13 32.98
CA VAL D 115 8.82 -33.79 33.34
C VAL D 115 8.95 -32.91 34.59
N ARG D 116 8.10 -31.89 34.69
CA ARG D 116 8.17 -30.91 35.78
C ARG D 116 7.98 -31.51 37.17
N THR D 117 7.08 -32.49 37.28
CA THR D 117 6.68 -33.04 38.57
C THR D 117 7.18 -34.46 38.80
N GLY D 118 7.20 -35.26 37.74
CA GLY D 118 7.59 -36.66 37.83
C GLY D 118 6.39 -37.57 37.97
N GLU D 119 5.19 -36.98 37.88
CA GLU D 119 3.94 -37.71 37.92
C GLU D 119 3.91 -38.74 36.79
N ARG D 120 3.54 -39.97 37.13
CA ARG D 120 3.46 -41.07 36.18
C ARG D 120 2.00 -41.40 35.91
N GLY D 121 1.74 -42.12 34.81
CA GLY D 121 0.42 -42.68 34.52
C GLY D 121 -0.73 -41.69 34.47
N GLU D 122 -1.83 -42.04 35.14
CA GLU D 122 -3.09 -41.28 35.07
C GLU D 122 -2.97 -39.82 35.52
N LYS D 123 -2.18 -39.58 36.56
CA LYS D 123 -1.92 -38.23 37.06
C LYS D 123 -1.19 -37.38 36.01
N ALA D 124 -0.26 -37.98 35.31
CA ALA D 124 0.51 -37.30 34.26
C ALA D 124 -0.33 -37.00 33.02
N GLU D 125 -1.30 -37.85 32.73
CA GLU D 125 -2.18 -37.68 31.58
C GLU D 125 -3.25 -36.63 31.84
N LYS D 126 -3.68 -36.52 33.10
CA LYS D 126 -4.75 -35.60 33.48
C LYS D 126 -4.30 -34.14 33.42
N MET D 127 -5.12 -33.31 32.77
CA MET D 127 -4.90 -31.87 32.68
C MET D 127 -6.04 -31.21 33.46
N THR D 128 -5.70 -30.37 34.43
CA THR D 128 -6.68 -29.84 35.39
C THR D 128 -7.72 -28.86 34.81
N GLY D 129 -8.48 -29.32 33.82
CA GLY D 129 -9.55 -28.53 33.20
C GLY D 129 -10.23 -29.22 32.03
N ASP D 130 -10.53 -30.51 32.19
CA ASP D 130 -11.14 -31.32 31.12
C ASP D 130 -12.47 -32.01 31.48
N MET D 131 -13.58 -31.32 31.25
CA MET D 131 -14.92 -31.92 31.35
C MET D 131 -15.91 -31.29 30.36
N ARG E . -16.03 -8.04 3.61
CA ARG E . -16.33 -9.46 3.64
C ARG E . -15.24 -10.25 2.93
O ARG E . -14.71 -11.22 3.49
CB ARG E . -17.67 -9.71 2.95
CG ARG E . -18.26 -11.10 3.15
CD ARG E . -19.08 -11.44 1.92
NE ARG E . -20.13 -12.41 2.20
CZ ARG E . -20.96 -12.92 1.30
NH1 ARG E . -20.90 -12.55 0.02
NH2 ARG E . -21.88 -13.80 1.68
OXT ARG E . -14.92 -9.95 1.89
PB ADP F . -21.05 -18.16 -17.02
O1B ADP F . -21.76 -18.15 -18.35
O2B ADP F . -20.02 -19.27 -16.89
O3B ADP F . -20.57 -16.80 -16.56
PA ADP F . -23.28 -19.72 -16.17
O1A ADP F . -24.21 -19.29 -17.27
O2A ADP F . -22.57 -21.06 -16.23
O3A ADP F . -22.18 -18.55 -15.94
O5' ADP F . -24.09 -19.60 -14.77
C5' ADP F . -24.51 -20.72 -13.99
C4' ADP F . -25.95 -21.10 -14.32
O4' ADP F . -26.42 -22.15 -13.46
C3' ADP F . -26.92 -19.94 -14.12
O3' ADP F . -27.18 -19.31 -15.38
C2' ADP F . -28.17 -20.55 -13.52
O2' ADP F . -29.26 -20.49 -14.44
C1' ADP F . -27.83 -22.01 -13.25
N9 ADP F . -28.21 -22.46 -11.87
C8 ADP F . -28.66 -23.70 -11.58
N7 ADP F . -28.92 -23.85 -10.27
C5 ADP F . -28.62 -22.69 -9.67
C6 ADP F . -28.68 -22.16 -8.28
N6 ADP F . -29.09 -22.93 -7.25
N1 ADP F . -28.28 -20.88 -8.08
C2 ADP F . -27.86 -20.09 -9.09
N3 ADP F . -27.79 -20.51 -10.37
C4 ADP F . -28.15 -21.77 -10.73
CA NLG G . -13.52 -21.56 -22.98
C NLG G . -14.06 -21.33 -24.21
OXT NLG G . -15.08 -20.58 -24.32
O NLG G . -13.56 -21.85 -25.24
CB NLG G . -12.72 -20.45 -22.32
CG NLG G . -13.54 -19.22 -21.97
CD NLG G . -14.05 -19.24 -20.55
OE1 NLG G . -13.74 -20.15 -19.75
OE2 NLG G . -14.80 -18.29 -20.21
C7 NLG G . -13.84 -23.82 -22.69
C8 NLG G . -13.30 -25.03 -22.64
O7 NLG G . -15.05 -23.69 -22.72
N2 NLG G . -13.01 -22.77 -22.71
MG MG H . 3.29 26.79 17.55
N ARG I . -5.19 18.15 -3.31
CA ARG I . -4.49 19.42 -3.32
C ARG I . -3.09 19.22 -2.71
O ARG I . -2.09 19.43 -3.38
CB ARG I . -5.28 20.45 -2.53
CG ARG I . -4.82 21.89 -2.60
CD ARG I . -5.04 22.54 -1.25
NE ARG I . -5.40 23.95 -1.32
CZ ARG I . -5.53 24.75 -0.25
NH1 ARG I . -5.31 24.28 0.97
NH2 ARG I . -5.86 26.02 -0.43
OXT ARG I . -2.56 18.79 -1.66
PB ADP J . 0.26 25.07 17.65
O1B ADP J . 1.68 25.52 17.41
O2B ADP J . -0.55 24.68 16.44
O3B ADP J . 0.11 24.05 18.77
PA ADP J . 0.24 27.86 18.38
O1A ADP J . -0.56 28.56 19.45
O2A ADP J . 1.73 27.67 18.58
O3A ADP J . -0.50 26.43 18.14
O5' ADP J . -0.01 28.66 17.01
C5' ADP J . -1.34 28.93 16.52
C4' ADP J . -1.87 30.27 17.06
O4' ADP J . -1.25 31.41 16.44
C3' ADP J . -3.36 30.51 16.84
O3' ADP J . -4.15 29.84 17.83
C2' ADP J . -3.49 32.02 16.95
O2' ADP J . -3.81 32.39 18.29
C1' ADP J . -2.10 32.55 16.65
N9 ADP J . -2.06 33.44 15.46
C8 ADP J . -1.31 34.56 15.40
N7 ADP J . -1.44 35.19 14.20
C5 ADP J . -2.31 34.46 13.47
C6 ADP J . -2.89 34.57 12.12
N6 ADP J . -2.56 35.60 11.31
N1 ADP J . -3.75 33.60 11.72
C2 ADP J . -4.08 32.57 12.53
N3 ADP J . -3.58 32.41 13.77
C4 ADP J . -2.71 33.31 14.30
CA NLG K . 7.89 24.19 22.33
C NLG K . 7.33 24.36 23.55
OXT NLG K . 6.11 24.61 23.67
O NLG K . 8.05 24.27 24.58
CB NLG K . 7.70 22.84 21.65
CG NLG K . 6.28 22.28 21.64
CD NLG K . 5.47 22.80 20.47
OE1 NLG K . 6.03 23.44 19.55
OE2 NLG K . 4.22 22.58 20.48
C7 NLG K . 9.43 25.90 21.87
C8 NLG K . 10.71 26.28 21.85
O7 NLG K . 8.57 26.72 21.62
N2 NLG K . 9.16 24.62 22.17
MG MG L . 26.10 31.53 -0.34
PG ATP M . 24.32 34.26 -0.92
O1G ATP M . 22.96 34.29 -1.58
O2G ATP M . 24.66 35.44 -0.05
O3G ATP M . 24.60 32.94 -0.24
PB ATP M . 26.76 33.81 -2.34
O1B ATP M . 27.67 34.81 -3.01
O2B ATP M . 27.16 33.19 -1.02
O3B ATP M . 25.31 34.47 -2.17
PA ATP M . 25.97 31.21 -3.02
O1A ATP M . 27.20 30.53 -2.52
O2A ATP M . 24.85 31.28 -2.03
O3A ATP M . 26.37 32.71 -3.44
O5' ATP M . 25.65 30.47 -4.42
C5' ATP M . 25.72 29.05 -4.55
C4' ATP M . 26.94 28.38 -5.22
O4' ATP M . 27.58 29.09 -6.29
C3' ATP M . 28.06 27.91 -4.30
O3' ATP M . 27.71 26.75 -3.53
C2' ATP M . 29.20 27.63 -5.27
O2' ATP M . 29.02 26.35 -5.88
C1' ATP M . 28.96 28.64 -6.38
N9 ATP M . 29.84 29.82 -6.28
C8 ATP M . 29.52 30.97 -5.63
N7 ATP M . 30.49 31.89 -5.78
C5 ATP M . 31.45 31.35 -6.53
C6 ATP M . 32.76 31.79 -7.05
N6 ATP M . 33.23 33.03 -6.77
N1 ATP M . 33.49 30.93 -7.80
C2 ATP M . 33.02 29.68 -8.08
N3 ATP M . 31.84 29.22 -7.63
C4 ATP M . 31.02 29.98 -6.87
MG MG N . -4.75 -40.36 -0.59
PG ATP O . -7.94 -40.96 0.19
O1G ATP O . -8.95 -40.06 0.87
O2G ATP O . -8.54 -42.02 -0.71
O3G ATP O . -6.81 -40.21 -0.46
PB ATP O . -5.83 -42.45 1.39
O1B ATP O . -5.90 -43.84 1.97
O2B ATP O . -5.22 -42.28 0.02
O3B ATP O . -7.31 -41.82 1.41
PA ATP O . -4.30 -40.16 2.06
O1A ATP O . -2.99 -40.62 1.50
O2A ATP O . -5.16 -39.32 1.18
O3A ATP O . -5.13 -41.48 2.48
O5' ATP O . -3.89 -39.47 3.45
C5' ATP O . -2.85 -38.47 3.49
C4' ATP O . -1.49 -38.89 4.08
O4' ATP O . -1.50 -39.86 5.13
C3' ATP O . -0.49 -39.41 3.07
O3' ATP O . 0.06 -38.37 2.25
C2' ATP O . 0.56 -40.06 3.95
O2' ATP O . 1.50 -39.10 4.45
C1' ATP O . -0.24 -40.56 5.13
N9 ATP O . -0.49 -42.02 4.99
C8 ATP O . -1.55 -42.57 4.37
N7 ATP O . -1.51 -43.91 4.41
C5 ATP O . -0.40 -44.26 5.08
C6 ATP O . 0.25 -45.53 5.48
N6 ATP O . -0.32 -46.72 5.16
N1 ATP O . 1.41 -45.47 6.17
C2 ATP O . 1.97 -44.28 6.49
N3 ATP O . 1.44 -43.08 6.15
C4 ATP O . 0.27 -43.01 5.45
#